data_8AHW
#
_entry.id   8AHW
#
_cell.length_a   165.320
_cell.length_b   165.320
_cell.length_c   57.760
_cell.angle_alpha   90.000
_cell.angle_beta   90.000
_cell.angle_gamma   90.000
#
_symmetry.space_group_name_H-M   'P 41 21 2'
#
loop_
_entity.id
_entity.type
_entity.pdbx_description
1 polymer 'Alanine racemase'
2 non-polymer GLYCEROL
3 non-polymer 1,2-ETHANEDIOL
4 water water
#
_entity_poly.entity_id   1
_entity_poly.type   'polypeptide(L)'
_entity_poly.pdbx_seq_one_letter_code
;GSHMTPISQTPGLLAEAMVDLGAIEHNVRVLREHAGHAQLMAVV(LLP)ADGYGHGATRVAQTALGAGAAELGVATVDEA
LALRADGITAPVLAWLHPPGIDFGPALLADVQVAVSSLRQLDELLHAVRRTGRTATVTVKVDTGLNRNGVGPAQFPAMLT
ALRQAMAEDAVRLRGLMSHMVYADKPDDSINDVQAQRFTAFLAQAREQGVRFEVAHLSNSSATMARPDLTFDLVRPGIAV
YGLSPVPALGDMGLVPAMTVKCAVALVKSIRAGEGVSYGHTWIAPRDTNLALLPIGYADGVFRSLGGRLEVLINGRRCPG
VGRICMNQFMVDLGPGPLDVAEGDEAILFGPGIRGEPTAQDWADLVGTIHYEVVTSPRGRITRTYREAENR
;
_entity_poly.pdbx_strand_id   A,B
#
# COMPACT_ATOMS: atom_id res chain seq x y z
N GLY A 12 -12.55 7.33 -8.75
CA GLY A 12 -11.52 8.23 -8.26
C GLY A 12 -10.95 9.02 -9.41
N LEU A 13 -11.15 10.35 -9.39
CA LEU A 13 -10.74 11.18 -10.50
C LEU A 13 -9.24 11.02 -10.79
N LEU A 14 -8.43 11.04 -9.74
CA LEU A 14 -6.99 11.17 -9.88
C LEU A 14 -6.33 9.92 -10.43
N ALA A 15 -6.58 8.79 -9.77
CA ALA A 15 -6.05 7.52 -10.20
C ALA A 15 -7.01 6.44 -9.72
N GLU A 16 -7.03 5.34 -10.46
CA GLU A 16 -7.90 4.26 -10.05
C GLU A 16 -7.32 2.90 -10.39
N ALA A 17 -7.73 1.93 -9.58
CA ALA A 17 -7.55 0.51 -9.85
C ALA A 17 -8.94 0.03 -10.27
N MET A 18 -9.17 -0.02 -11.60
CA MET A 18 -10.50 -0.37 -12.10
C MET A 18 -10.54 -1.90 -12.29
N VAL A 19 -11.49 -2.51 -11.60
CA VAL A 19 -11.72 -3.95 -11.69
C VAL A 19 -12.87 -4.19 -12.66
N ASP A 20 -12.58 -4.94 -13.72
CA ASP A 20 -13.58 -5.28 -14.74
C ASP A 20 -14.29 -6.54 -14.30
N LEU A 21 -15.51 -6.39 -13.77
CA LEU A 21 -16.24 -7.56 -13.29
C LEU A 21 -16.66 -8.48 -14.44
N GLY A 22 -16.72 -7.96 -15.66
CA GLY A 22 -16.91 -8.83 -16.82
C GLY A 22 -15.73 -9.75 -17.00
N ALA A 23 -14.53 -9.29 -16.69
CA ALA A 23 -13.37 -10.18 -16.75
C ALA A 23 -13.44 -11.25 -15.67
N ILE A 24 -13.81 -10.87 -14.43
CA ILE A 24 -14.01 -11.85 -13.35
C ILE A 24 -15.00 -12.92 -13.81
N GLU A 25 -16.09 -12.50 -14.45
CA GLU A 25 -17.08 -13.49 -14.89
C GLU A 25 -16.48 -14.44 -15.91
N HIS A 26 -15.74 -13.89 -16.87
CA HIS A 26 -15.07 -14.72 -17.87
C HIS A 26 -14.09 -15.68 -17.19
N ASN A 27 -13.30 -15.19 -16.25
CA ASN A 27 -12.33 -16.06 -15.61
C ASN A 27 -13.01 -17.18 -14.81
N VAL A 28 -14.11 -16.87 -14.13
CA VAL A 28 -14.82 -17.91 -13.41
C VAL A 28 -15.38 -18.95 -14.38
N ARG A 29 -15.90 -18.51 -15.51
CA ARG A 29 -16.43 -19.45 -16.50
C ARG A 29 -15.32 -20.36 -17.02
N VAL A 30 -14.15 -19.80 -17.32
CA VAL A 30 -12.99 -20.60 -17.74
C VAL A 30 -12.64 -21.62 -16.67
N LEU A 31 -12.56 -21.18 -15.42
CA LEU A 31 -12.19 -22.10 -14.34
C LEU A 31 -13.22 -23.21 -14.19
N ARG A 32 -14.50 -22.89 -14.34
CA ARG A 32 -15.54 -23.92 -14.19
C ARG A 32 -15.41 -24.97 -15.30
N GLU A 33 -15.06 -24.54 -16.52
CA GLU A 33 -14.77 -25.46 -17.61
C GLU A 33 -13.65 -26.42 -17.25
N HIS A 34 -12.53 -25.88 -16.74
CA HIS A 34 -11.40 -26.72 -16.34
C HIS A 34 -11.74 -27.63 -15.18
N ALA A 35 -12.55 -27.15 -14.23
CA ALA A 35 -12.91 -27.95 -13.08
C ALA A 35 -13.81 -29.12 -13.44
N GLY A 36 -14.38 -29.14 -14.64
CA GLY A 36 -15.22 -30.27 -15.02
C GLY A 36 -16.39 -30.42 -14.08
N HIS A 37 -16.52 -31.61 -13.50
CA HIS A 37 -17.65 -31.89 -12.64
C HIS A 37 -17.54 -31.24 -11.26
N ALA A 38 -16.36 -30.76 -10.88
CA ALA A 38 -16.15 -30.27 -9.53
C ALA A 38 -16.68 -28.86 -9.39
N GLN A 39 -17.07 -28.51 -8.16
CA GLN A 39 -17.53 -27.17 -7.88
C GLN A 39 -16.38 -26.25 -7.49
N LEU A 40 -16.63 -24.95 -7.61
CA LEU A 40 -15.59 -23.93 -7.45
C LEU A 40 -15.81 -23.13 -6.17
N MET A 41 -14.78 -23.07 -5.34
CA MET A 41 -14.63 -22.13 -4.22
C MET A 41 -13.73 -20.98 -4.61
N ALA A 42 -14.31 -19.80 -4.82
CA ALA A 42 -13.52 -18.65 -5.22
C ALA A 42 -12.85 -18.04 -3.99
N VAL A 43 -11.54 -17.83 -4.09
CA VAL A 43 -10.73 -17.40 -2.95
C VAL A 43 -10.60 -15.88 -3.02
N VAL A 44 -11.08 -15.21 -1.98
CA VAL A 44 -11.18 -13.75 -1.94
C VAL A 44 -10.49 -13.17 -0.68
N ALA A 46 -7.37 -11.32 1.51
CA ALA A 46 -6.60 -10.08 1.27
C ALA A 46 -7.44 -9.07 0.46
N ASP A 47 -8.69 -8.91 0.89
CA ASP A 47 -9.66 -8.05 0.22
C ASP A 47 -9.71 -8.36 -1.28
N GLY A 48 -9.92 -9.63 -1.59
CA GLY A 48 -10.01 -10.03 -2.98
C GLY A 48 -8.72 -9.80 -3.73
N TYR A 49 -7.57 -10.15 -3.13
CA TYR A 49 -6.29 -9.92 -3.79
C TYR A 49 -6.17 -8.47 -4.27
N GLY A 50 -6.70 -7.54 -3.47
CA GLY A 50 -6.69 -6.13 -3.86
C GLY A 50 -7.79 -5.70 -4.79
N HIS A 51 -8.63 -6.62 -5.25
CA HIS A 51 -9.71 -6.31 -6.18
C HIS A 51 -11.05 -6.04 -5.48
N GLY A 52 -11.15 -6.27 -4.17
CA GLY A 52 -12.39 -6.08 -3.43
C GLY A 52 -13.10 -7.40 -3.14
N ALA A 53 -12.96 -7.90 -1.91
CA ALA A 53 -13.50 -9.23 -1.61
C ALA A 53 -15.01 -9.32 -1.88
N THR A 54 -15.76 -8.31 -1.45
CA THR A 54 -17.22 -8.39 -1.56
C THR A 54 -17.68 -8.32 -3.01
N ARG A 55 -17.19 -7.35 -3.77
CA ARG A 55 -17.63 -7.24 -5.16
CA ARG A 55 -17.64 -7.24 -5.15
C ARG A 55 -17.21 -8.44 -5.98
N VAL A 56 -15.98 -8.93 -5.78
CA VAL A 56 -15.54 -10.09 -6.53
C VAL A 56 -16.33 -11.32 -6.11
N ALA A 57 -16.58 -11.47 -4.80
CA ALA A 57 -17.41 -12.57 -4.30
C ALA A 57 -18.78 -12.55 -4.96
N GLN A 58 -19.43 -11.39 -5.00
CA GLN A 58 -20.77 -11.32 -5.58
C GLN A 58 -20.74 -11.77 -7.04
N THR A 59 -19.75 -11.28 -7.78
CA THR A 59 -19.67 -11.57 -9.21
C THR A 59 -19.34 -13.03 -9.45
N ALA A 60 -18.42 -13.59 -8.66
CA ALA A 60 -18.03 -14.98 -8.84
C ALA A 60 -19.22 -15.92 -8.59
N LEU A 61 -19.95 -15.68 -7.50
CA LEU A 61 -21.14 -16.47 -7.23
C LEU A 61 -22.16 -16.35 -8.36
N GLY A 62 -22.37 -15.14 -8.87
CA GLY A 62 -23.28 -14.96 -9.99
C GLY A 62 -22.85 -15.64 -11.27
N ALA A 63 -21.56 -15.97 -11.40
CA ALA A 63 -21.04 -16.63 -12.58
C ALA A 63 -20.89 -18.13 -12.36
N GLY A 64 -21.37 -18.64 -11.23
CA GLY A 64 -21.42 -20.08 -11.00
C GLY A 64 -20.52 -20.61 -9.90
N ALA A 65 -19.70 -19.78 -9.27
CA ALA A 65 -19.00 -20.25 -8.07
C ALA A 65 -20.00 -20.73 -7.03
N ALA A 66 -19.69 -21.85 -6.38
CA ALA A 66 -20.57 -22.43 -5.39
C ALA A 66 -20.31 -21.93 -3.97
N GLU A 67 -19.06 -21.58 -3.67
CA GLU A 67 -18.64 -21.27 -2.31
C GLU A 67 -17.52 -20.24 -2.37
N LEU A 68 -17.20 -19.68 -1.20
CA LEU A 68 -16.11 -18.72 -1.04
C LEU A 68 -15.07 -19.18 -0.03
N GLY A 69 -13.81 -18.87 -0.33
CA GLY A 69 -12.73 -19.16 0.60
C GLY A 69 -11.98 -17.91 1.02
N VAL A 70 -11.69 -17.79 2.31
CA VAL A 70 -10.91 -16.68 2.86
C VAL A 70 -9.95 -17.25 3.89
N ALA A 71 -8.97 -16.43 4.28
CA ALA A 71 -8.03 -16.85 5.32
C ALA A 71 -8.67 -16.71 6.70
N THR A 72 -9.08 -15.50 7.09
CA THR A 72 -9.44 -15.27 8.48
C THR A 72 -10.96 -15.23 8.67
N VAL A 73 -11.39 -15.54 9.90
CA VAL A 73 -12.80 -15.37 10.26
C VAL A 73 -13.19 -13.91 10.11
N ASP A 74 -12.27 -12.99 10.40
CA ASP A 74 -12.57 -11.57 10.22
C ASP A 74 -12.96 -11.28 8.77
N GLU A 75 -12.23 -11.84 7.81
CA GLU A 75 -12.58 -11.68 6.40
C GLU A 75 -13.95 -12.25 6.11
N ALA A 76 -14.29 -13.37 6.74
CA ALA A 76 -15.57 -14.01 6.50
C ALA A 76 -16.69 -13.15 7.06
N LEU A 77 -16.48 -12.62 8.27
CA LEU A 77 -17.49 -11.78 8.89
C LEU A 77 -17.72 -10.53 8.07
N ALA A 78 -16.69 -10.02 7.40
CA ALA A 78 -16.87 -8.84 6.55
C ALA A 78 -17.78 -9.15 5.35
N LEU A 79 -17.58 -10.29 4.72
CA LEU A 79 -18.50 -10.74 3.67
C LEU A 79 -19.92 -10.86 4.20
N ARG A 80 -20.09 -11.48 5.36
CA ARG A 80 -21.44 -11.64 5.92
C ARG A 80 -22.08 -10.29 6.18
N ALA A 81 -21.30 -9.34 6.69
CA ALA A 81 -21.86 -8.03 7.01
C ALA A 81 -22.26 -7.28 5.75
N ASP A 82 -21.63 -7.59 4.61
CA ASP A 82 -22.01 -6.99 3.34
C ASP A 82 -23.13 -7.76 2.65
N GLY A 83 -23.77 -8.69 3.35
CA GLY A 83 -24.92 -9.39 2.84
C GLY A 83 -24.66 -10.66 2.06
N ILE A 84 -23.42 -11.15 2.04
CA ILE A 84 -23.11 -12.42 1.39
C ILE A 84 -23.70 -13.56 2.22
N THR A 85 -24.47 -14.44 1.57
CA THR A 85 -25.11 -15.56 2.25
C THR A 85 -24.59 -16.91 1.81
N ALA A 86 -23.77 -16.96 0.76
CA ALA A 86 -23.19 -18.21 0.26
C ALA A 86 -22.26 -18.82 1.30
N PRO A 87 -21.88 -20.08 1.14
CA PRO A 87 -20.92 -20.68 2.09
C PRO A 87 -19.57 -19.99 2.02
N VAL A 88 -18.96 -19.78 3.21
CA VAL A 88 -17.65 -19.16 3.34
C VAL A 88 -16.80 -20.00 4.30
N LEU A 89 -15.60 -20.37 3.86
CA LEU A 89 -14.65 -21.17 4.64
C LEU A 89 -13.43 -20.32 5.02
N ALA A 90 -13.05 -20.37 6.30
CA ALA A 90 -11.89 -19.65 6.80
C ALA A 90 -10.88 -20.66 7.36
N TRP A 91 -9.62 -20.49 7.00
CA TRP A 91 -8.61 -21.49 7.35
C TRP A 91 -7.38 -21.00 8.11
N LEU A 92 -7.26 -19.73 8.45
CA LEU A 92 -6.14 -19.27 9.25
C LEU A 92 -6.67 -18.59 10.50
N HIS A 93 -6.31 -19.11 11.66
CA HIS A 93 -6.89 -18.64 12.91
C HIS A 93 -5.79 -18.41 13.96
N PRO A 94 -5.82 -17.27 14.67
CA PRO A 94 -4.82 -17.05 15.71
C PRO A 94 -5.07 -17.99 16.90
N PRO A 95 -4.01 -18.33 17.64
CA PRO A 95 -4.24 -19.14 18.85
C PRO A 95 -5.18 -18.44 19.81
N GLY A 96 -6.03 -19.23 20.45
CA GLY A 96 -6.96 -18.71 21.43
C GLY A 96 -8.14 -17.99 20.85
N ILE A 97 -8.39 -18.14 19.55
CA ILE A 97 -9.53 -17.50 18.94
C ILE A 97 -10.81 -18.04 19.56
N ASP A 98 -11.76 -17.15 19.80
CA ASP A 98 -13.11 -17.54 20.18
C ASP A 98 -13.89 -17.74 18.89
N PHE A 99 -14.12 -19.00 18.54
CA PHE A 99 -14.84 -19.32 17.31
C PHE A 99 -16.33 -19.03 17.41
N GLY A 100 -16.84 -18.54 18.55
CA GLY A 100 -18.25 -18.31 18.70
C GLY A 100 -18.86 -17.45 17.60
N PRO A 101 -18.28 -16.27 17.38
CA PRO A 101 -18.86 -15.41 16.33
C PRO A 101 -18.89 -16.07 14.96
N ALA A 102 -17.85 -16.82 14.58
CA ALA A 102 -17.92 -17.55 13.32
C ALA A 102 -19.10 -18.51 13.30
N LEU A 103 -19.32 -19.23 14.40
CA LEU A 103 -20.41 -20.20 14.37
C LEU A 103 -21.74 -19.49 14.23
N LEU A 104 -21.87 -18.34 14.90
CA LEU A 104 -23.11 -17.58 14.90
C LEU A 104 -23.34 -16.89 13.57
N ALA A 105 -22.28 -16.69 12.77
CA ALA A 105 -22.40 -16.09 11.46
C ALA A 105 -22.39 -17.12 10.33
N ASP A 106 -22.47 -18.40 10.66
CA ASP A 106 -22.52 -19.43 9.64
C ASP A 106 -21.25 -19.44 8.80
N VAL A 107 -20.10 -19.24 9.44
CA VAL A 107 -18.79 -19.31 8.82
C VAL A 107 -18.21 -20.69 9.04
N GLN A 108 -17.85 -21.36 7.97
CA GLN A 108 -17.19 -22.66 8.04
C GLN A 108 -15.77 -22.50 8.54
N VAL A 109 -15.30 -23.45 9.34
CA VAL A 109 -14.00 -23.34 10.00
C VAL A 109 -13.15 -24.52 9.59
N ALA A 110 -11.98 -24.24 9.05
CA ALA A 110 -10.98 -25.27 8.78
C ALA A 110 -10.00 -25.27 9.94
N VAL A 111 -9.78 -26.45 10.54
CA VAL A 111 -8.85 -26.57 11.66
C VAL A 111 -7.60 -27.25 11.18
N SER A 112 -6.44 -26.79 11.65
CA SER A 112 -5.17 -27.39 11.25
C SER A 112 -4.39 -27.99 12.42
N SER A 113 -5.02 -28.18 13.58
CA SER A 113 -4.36 -28.79 14.73
C SER A 113 -5.40 -29.35 15.68
N LEU A 114 -4.95 -30.26 16.55
CA LEU A 114 -5.82 -30.75 17.61
C LEU A 114 -6.19 -29.64 18.58
N ARG A 115 -5.23 -28.77 18.92
CA ARG A 115 -5.52 -27.65 19.81
C ARG A 115 -6.64 -26.76 19.24
N GLN A 116 -6.60 -26.51 17.93
CA GLN A 116 -7.63 -25.69 17.29
C GLN A 116 -8.98 -26.37 17.29
N LEU A 117 -9.01 -27.67 17.07
CA LEU A 117 -10.27 -28.39 17.16
C LEU A 117 -10.85 -28.24 18.56
N ASP A 118 -9.99 -28.35 19.58
CA ASP A 118 -10.49 -28.18 20.95
C ASP A 118 -11.09 -26.80 21.14
N GLU A 119 -10.45 -25.77 20.57
CA GLU A 119 -10.99 -24.42 20.66
C GLU A 119 -12.34 -24.33 19.97
N LEU A 120 -12.50 -25.02 18.85
CA LEU A 120 -13.75 -24.91 18.11
C LEU A 120 -14.86 -25.69 18.83
N LEU A 121 -14.53 -26.85 19.41
CA LEU A 121 -15.53 -27.64 20.12
C LEU A 121 -15.92 -26.94 21.42
N HIS A 122 -15.02 -26.17 22.03
CA HIS A 122 -15.43 -25.37 23.18
C HIS A 122 -16.43 -24.31 22.77
N ALA A 123 -16.17 -23.66 21.63
CA ALA A 123 -17.11 -22.65 21.15
C ALA A 123 -18.44 -23.28 20.80
N VAL A 124 -18.44 -24.51 20.30
CA VAL A 124 -19.70 -25.21 20.05
C VAL A 124 -20.45 -25.40 21.37
N ARG A 125 -19.72 -25.79 22.43
CA ARG A 125 -20.38 -25.97 23.73
C ARG A 125 -20.88 -24.64 24.27
N ARG A 126 -20.09 -23.56 24.15
CA ARG A 126 -20.54 -22.27 24.70
C ARG A 126 -21.75 -21.73 23.95
N THR A 127 -21.77 -21.84 22.62
CA THR A 127 -22.82 -21.21 21.82
C THR A 127 -24.02 -22.13 21.55
N GLY A 128 -23.83 -23.43 21.59
CA GLY A 128 -24.85 -24.35 21.18
C GLY A 128 -25.04 -24.49 19.68
N ARG A 129 -24.06 -24.08 18.88
CA ARG A 129 -24.18 -24.09 17.42
C ARG A 129 -23.23 -25.14 16.83
N THR A 130 -23.79 -26.05 16.03
CA THR A 130 -22.97 -27.04 15.33
C THR A 130 -21.99 -26.35 14.40
N ALA A 131 -20.80 -26.92 14.30
CA ALA A 131 -19.76 -26.35 13.46
C ALA A 131 -19.69 -27.14 12.17
N THR A 132 -19.53 -26.44 11.06
CA THR A 132 -19.34 -27.06 9.75
C THR A 132 -17.84 -27.06 9.51
N VAL A 133 -17.21 -28.21 9.75
CA VAL A 133 -15.78 -28.26 9.94
C VAL A 133 -15.11 -28.89 8.74
N THR A 134 -13.95 -28.34 8.42
CA THR A 134 -13.03 -28.85 7.41
C THR A 134 -11.70 -29.06 8.12
N VAL A 135 -11.03 -30.16 7.80
CA VAL A 135 -9.71 -30.45 8.35
C VAL A 135 -8.66 -30.15 7.29
N LYS A 136 -7.67 -29.33 7.66
CA LYS A 136 -6.58 -28.95 6.77
C LYS A 136 -5.37 -29.79 7.16
N VAL A 137 -4.94 -30.65 6.24
CA VAL A 137 -3.88 -31.62 6.52
C VAL A 137 -2.62 -31.18 5.79
N ASP A 138 -1.47 -31.59 6.33
CA ASP A 138 -0.15 -31.24 5.80
C ASP A 138 0.33 -32.37 4.88
N THR A 139 0.38 -32.07 3.57
CA THR A 139 0.88 -33.02 2.57
C THR A 139 2.29 -32.69 2.09
N GLY A 140 3.03 -31.85 2.81
CA GLY A 140 4.37 -31.48 2.39
C GLY A 140 4.73 -30.01 2.53
N LEU A 141 3.72 -29.13 2.53
CA LEU A 141 3.95 -27.71 2.76
C LEU A 141 4.78 -27.49 4.01
N ASN A 144 1.53 -24.96 7.97
CA ASN A 144 0.70 -25.63 8.98
C ASN A 144 -0.05 -26.82 8.40
N GLY A 145 -0.97 -27.37 9.19
CA GLY A 145 -1.74 -28.54 8.82
C GLY A 145 -1.59 -29.68 9.78
N VAL A 146 -2.64 -30.49 9.93
CA VAL A 146 -2.54 -31.72 10.68
C VAL A 146 -1.56 -32.66 9.99
N GLY A 147 -0.61 -33.23 10.75
CA GLY A 147 0.36 -34.13 10.21
C GLY A 147 -0.13 -35.56 10.22
N PRO A 148 0.54 -36.45 9.48
CA PRO A 148 0.18 -37.88 9.58
C PRO A 148 0.19 -38.41 11.00
N ALA A 149 1.10 -37.93 11.85
CA ALA A 149 1.19 -38.47 13.21
C ALA A 149 -0.05 -38.12 14.04
N GLN A 150 -0.61 -36.93 13.84
CA GLN A 150 -1.72 -36.42 14.64
C GLN A 150 -3.08 -36.72 14.04
N PHE A 151 -3.12 -37.17 12.78
CA PHE A 151 -4.40 -37.38 12.10
C PHE A 151 -5.24 -38.49 12.72
N PRO A 152 -4.68 -39.63 13.14
CA PRO A 152 -5.54 -40.64 13.77
C PRO A 152 -6.25 -40.11 15.00
N ALA A 153 -5.56 -39.31 15.82
CA ALA A 153 -6.23 -38.71 16.97
C ALA A 153 -7.26 -37.70 16.52
N MET A 154 -7.00 -36.98 15.43
CA MET A 154 -7.99 -36.04 14.91
C MET A 154 -9.25 -36.78 14.46
N LEU A 155 -9.09 -37.90 13.75
CA LEU A 155 -10.27 -38.62 13.26
C LEU A 155 -11.12 -39.18 14.40
N THR A 156 -10.48 -39.76 15.42
CA THR A 156 -11.25 -40.26 16.55
C THR A 156 -12.09 -39.16 17.20
N ALA A 157 -11.51 -37.97 17.37
CA ALA A 157 -12.24 -36.87 17.98
C ALA A 157 -13.40 -36.40 17.09
N LEU A 158 -13.16 -36.28 15.78
CA LEU A 158 -14.25 -35.83 14.92
C LEU A 158 -15.38 -36.85 14.87
N ARG A 159 -15.04 -38.14 14.85
CA ARG A 159 -16.08 -39.16 14.94
C ARG A 159 -16.91 -38.94 16.20
N GLN A 160 -16.25 -38.58 17.31
CA GLN A 160 -16.94 -38.34 18.58
C GLN A 160 -17.83 -37.11 18.51
N ALA A 161 -17.29 -36.03 17.96
CA ALA A 161 -18.05 -34.79 17.85
C ALA A 161 -19.19 -34.92 16.85
N MET A 162 -18.96 -35.64 15.76
CA MET A 162 -20.00 -35.84 14.77
C MET A 162 -21.16 -36.67 15.32
N ALA A 163 -20.86 -37.66 16.18
CA ALA A 163 -21.92 -38.54 16.67
C ALA A 163 -22.93 -37.79 17.54
N GLU A 164 -22.49 -36.78 18.29
CA GLU A 164 -23.38 -35.91 19.05
C GLU A 164 -23.80 -34.66 18.27
N ASP A 165 -23.42 -34.59 16.99
CA ASP A 165 -23.76 -33.45 16.13
C ASP A 165 -23.21 -32.14 16.69
N ALA A 166 -22.04 -32.22 17.31
CA ALA A 166 -21.27 -31.03 17.61
C ALA A 166 -20.60 -30.47 16.36
N VAL A 167 -20.28 -31.31 15.39
CA VAL A 167 -19.74 -30.86 14.11
C VAL A 167 -20.48 -31.55 12.98
N ARG A 168 -20.54 -30.88 11.84
CA ARG A 168 -20.82 -31.51 10.55
C ARG A 168 -19.48 -31.61 9.83
N LEU A 169 -19.15 -32.80 9.33
CA LEU A 169 -17.81 -33.03 8.76
C LEU A 169 -17.86 -32.73 7.27
N ARG A 170 -17.61 -31.47 6.96
CA ARG A 170 -17.76 -31.03 5.57
C ARG A 170 -16.56 -31.43 4.71
N GLY A 171 -15.37 -30.97 5.07
CA GLY A 171 -14.26 -31.01 4.14
C GLY A 171 -12.99 -31.64 4.69
N LEU A 172 -12.23 -32.22 3.78
CA LEU A 172 -10.80 -32.47 3.94
C LEU A 172 -10.03 -31.67 2.90
N MET A 173 -9.04 -30.90 3.33
CA MET A 173 -8.32 -30.07 2.38
C MET A 173 -6.83 -30.11 2.66
N SER A 174 -6.04 -29.81 1.63
CA SER A 174 -4.64 -29.45 1.77
C SER A 174 -4.32 -28.43 0.69
N HIS A 175 -3.14 -27.82 0.81
CA HIS A 175 -2.70 -26.77 -0.09
C HIS A 175 -1.40 -27.19 -0.78
N MET A 176 -1.39 -27.05 -2.11
CA MET A 176 -0.22 -27.40 -2.90
C MET A 176 0.93 -26.43 -2.64
N VAL A 177 2.13 -26.98 -2.49
CA VAL A 177 3.34 -26.16 -2.41
C VAL A 177 3.97 -26.03 -3.79
N ASP A 184 6.24 -31.00 -12.40
CA ASP A 184 7.11 -31.36 -11.28
C ASP A 184 6.46 -32.44 -10.41
N SER A 185 7.24 -33.46 -10.09
CA SER A 185 6.73 -34.63 -9.40
C SER A 185 6.31 -34.35 -7.97
N ILE A 186 6.81 -33.26 -7.36
CA ILE A 186 6.41 -32.91 -6.00
C ILE A 186 4.90 -32.72 -5.95
N ASN A 187 4.29 -32.29 -7.05
CA ASN A 187 2.83 -32.22 -7.09
C ASN A 187 2.19 -33.59 -7.02
N ASP A 188 2.75 -34.57 -7.71
CA ASP A 188 2.22 -35.92 -7.61
C ASP A 188 2.44 -36.49 -6.21
N VAL A 189 3.52 -36.09 -5.53
CA VAL A 189 3.77 -36.60 -4.20
C VAL A 189 2.73 -36.06 -3.23
N GLN A 190 2.43 -34.75 -3.30
CA GLN A 190 1.42 -34.22 -2.39
C GLN A 190 0.07 -34.88 -2.66
N ALA A 191 -0.28 -35.08 -3.93
CA ALA A 191 -1.57 -35.71 -4.23
C ALA A 191 -1.62 -37.12 -3.67
N GLN A 192 -0.50 -37.83 -3.72
CA GLN A 192 -0.50 -39.19 -3.21
C GLN A 192 -0.65 -39.19 -1.68
N ARG A 193 0.01 -38.26 -1.00
CA ARG A 193 -0.19 -38.13 0.44
C ARG A 193 -1.62 -37.73 0.78
N PHE A 194 -2.23 -36.86 -0.04
CA PHE A 194 -3.61 -36.46 0.21
C PHE A 194 -4.56 -37.65 0.08
N THR A 195 -4.38 -38.46 -0.98
CA THR A 195 -5.21 -39.64 -1.14
C THR A 195 -5.02 -40.61 0.03
N ALA A 196 -3.84 -40.60 0.66
CA ALA A 196 -3.63 -41.49 1.80
C ALA A 196 -4.41 -41.01 3.01
N PHE A 197 -4.48 -39.70 3.21
CA PHE A 197 -5.35 -39.15 4.25
C PHE A 197 -6.79 -39.59 4.01
N LEU A 198 -7.30 -39.41 2.77
CA LEU A 198 -8.66 -39.84 2.48
C LEU A 198 -8.85 -41.32 2.77
N ALA A 199 -7.83 -42.14 2.49
CA ALA A 199 -7.93 -43.57 2.75
C ALA A 199 -7.89 -43.86 4.25
N GLN A 200 -7.02 -43.17 4.98
CA GLN A 200 -6.96 -43.35 6.43
C GLN A 200 -8.30 -42.98 7.06
N ALA A 201 -8.92 -41.89 6.58
CA ALA A 201 -10.25 -41.53 7.09
C ALA A 201 -11.29 -42.57 6.68
N ARG A 202 -11.25 -43.03 5.44
CA ARG A 202 -12.23 -44.04 5.01
C ARG A 202 -12.07 -45.35 5.78
N GLU A 203 -10.83 -45.75 6.05
CA GLU A 203 -10.65 -47.02 6.75
C GLU A 203 -10.97 -46.91 8.24
N GLN A 204 -10.86 -45.71 8.82
CA GLN A 204 -11.36 -45.48 10.17
C GLN A 204 -12.83 -45.09 10.20
N GLY A 205 -13.51 -45.17 9.05
CA GLY A 205 -14.95 -44.99 9.01
C GLY A 205 -15.44 -43.57 9.18
N VAL A 206 -14.62 -42.59 8.84
CA VAL A 206 -14.96 -41.17 8.99
C VAL A 206 -15.07 -40.57 7.59
N ARG A 207 -16.30 -40.18 7.21
CA ARG A 207 -16.56 -39.71 5.85
C ARG A 207 -16.70 -38.19 5.81
N PHE A 208 -15.98 -37.56 4.89
CA PHE A 208 -16.14 -36.16 4.60
C PHE A 208 -17.06 -35.98 3.39
N GLU A 209 -17.78 -34.86 3.37
CA GLU A 209 -18.65 -34.57 2.25
C GLU A 209 -17.84 -34.29 0.99
N VAL A 210 -16.75 -33.54 1.10
CA VAL A 210 -15.94 -33.17 -0.05
C VAL A 210 -14.46 -33.13 0.34
N ALA A 211 -13.60 -33.36 -0.65
CA ALA A 211 -12.16 -33.22 -0.49
C ALA A 211 -11.63 -32.26 -1.54
N HIS A 212 -10.65 -31.44 -1.17
CA HIS A 212 -10.11 -30.51 -2.14
C HIS A 212 -8.66 -30.20 -1.87
N LEU A 213 -7.87 -30.20 -2.94
CA LEU A 213 -6.45 -29.93 -2.90
C LEU A 213 -6.02 -28.77 -3.81
N SER A 214 -6.84 -28.35 -4.77
CA SER A 214 -6.35 -27.62 -5.94
C SER A 214 -6.48 -26.11 -5.80
N ASN A 215 -5.37 -25.40 -6.00
CA ASN A 215 -5.35 -23.95 -6.19
C ASN A 215 -5.54 -23.66 -7.69
N SER A 216 -5.29 -22.41 -8.12
CA SER A 216 -5.50 -22.05 -9.52
C SER A 216 -4.62 -22.89 -10.44
N SER A 217 -3.35 -23.07 -10.06
CA SER A 217 -2.39 -23.77 -10.91
C SER A 217 -2.85 -25.22 -11.11
N ALA A 218 -3.22 -25.90 -10.02
CA ALA A 218 -3.71 -27.27 -10.14
C ALA A 218 -5.00 -27.32 -10.94
N THR A 219 -5.91 -26.37 -10.69
CA THR A 219 -7.18 -26.38 -11.42
C THR A 219 -6.95 -26.32 -12.92
N MET A 220 -6.04 -25.47 -13.37
CA MET A 220 -5.89 -25.22 -14.79
CA MET A 220 -5.88 -25.19 -14.79
C MET A 220 -4.88 -26.12 -15.48
N ALA A 221 -3.90 -26.62 -14.74
CA ALA A 221 -2.85 -27.43 -15.34
C ALA A 221 -2.88 -28.89 -14.96
N ARG A 222 -3.48 -29.26 -13.84
CA ARG A 222 -3.46 -30.65 -13.36
C ARG A 222 -4.88 -31.12 -13.08
N PRO A 223 -5.73 -31.18 -14.10
CA PRO A 223 -7.12 -31.65 -13.88
C PRO A 223 -7.17 -33.06 -13.36
N ASP A 224 -6.14 -33.87 -13.64
CA ASP A 224 -6.11 -35.22 -13.09
C ASP A 224 -6.03 -35.20 -11.58
N LEU A 225 -5.69 -34.05 -10.99
CA LEU A 225 -5.59 -33.91 -9.53
C LEU A 225 -6.78 -33.17 -8.93
N THR A 226 -7.89 -33.08 -9.67
CA THR A 226 -9.11 -32.47 -9.16
C THR A 226 -9.91 -33.52 -8.38
N PHE A 227 -10.31 -33.17 -7.17
CA PHE A 227 -11.17 -33.99 -6.32
C PHE A 227 -12.62 -33.47 -6.43
N ASP A 228 -13.24 -33.08 -5.33
CA ASP A 228 -14.63 -32.63 -5.41
C ASP A 228 -14.78 -31.12 -5.54
N LEU A 229 -13.74 -30.38 -5.20
CA LEU A 229 -13.81 -28.93 -5.18
C LEU A 229 -12.45 -28.40 -5.58
N VAL A 230 -12.45 -27.24 -6.21
CA VAL A 230 -11.23 -26.50 -6.52
C VAL A 230 -11.29 -25.14 -5.84
N ARG A 231 -10.12 -24.60 -5.51
CA ARG A 231 -10.02 -23.35 -4.73
C ARG A 231 -9.12 -22.35 -5.44
N PRO A 232 -9.56 -21.84 -6.58
CA PRO A 232 -8.75 -20.83 -7.28
C PRO A 232 -8.89 -19.45 -6.66
N GLY A 233 -7.75 -18.80 -6.46
CA GLY A 233 -7.70 -17.37 -6.18
C GLY A 233 -7.18 -16.59 -7.39
N ILE A 234 -5.87 -16.64 -7.62
CA ILE A 234 -5.19 -15.78 -8.60
C ILE A 234 -5.85 -15.81 -9.99
N ALA A 235 -6.25 -16.98 -10.47
CA ALA A 235 -6.88 -17.07 -11.78
C ALA A 235 -8.25 -16.41 -11.84
N VAL A 236 -8.96 -16.32 -10.71
CA VAL A 236 -10.21 -15.56 -10.69
C VAL A 236 -9.96 -14.11 -11.10
N TYR A 237 -8.83 -13.54 -10.65
CA TYR A 237 -8.45 -12.16 -11.00
C TYR A 237 -7.79 -12.09 -12.36
N GLY A 238 -7.72 -13.23 -13.07
CA GLY A 238 -7.23 -13.25 -14.42
C GLY A 238 -5.73 -13.33 -14.56
N LEU A 239 -5.01 -13.46 -13.46
CA LEU A 239 -3.56 -13.50 -13.47
C LEU A 239 -3.09 -14.94 -13.63
N SER A 240 -2.09 -15.14 -14.48
CA SER A 240 -1.76 -16.51 -14.86
C SER A 240 -1.21 -17.29 -13.70
N PRO A 241 -1.75 -18.47 -13.39
CA PRO A 241 -1.16 -19.28 -12.31
C PRO A 241 0.10 -20.05 -12.75
N VAL A 242 0.47 -20.02 -14.02
CA VAL A 242 1.75 -20.58 -14.48
C VAL A 242 2.30 -19.58 -15.47
N PRO A 243 2.96 -18.52 -15.02
CA PRO A 243 3.30 -17.43 -15.95
C PRO A 243 4.09 -17.88 -17.17
N ALA A 244 4.90 -18.93 -17.03
CA ALA A 244 5.71 -19.40 -18.16
C ALA A 244 4.88 -19.96 -19.29
N LEU A 245 3.59 -20.22 -19.04
CA LEU A 245 2.69 -20.76 -20.04
C LEU A 245 1.82 -19.70 -20.71
N GLY A 246 1.94 -18.45 -20.28
CA GLY A 246 1.15 -17.40 -20.87
C GLY A 246 -0.12 -17.13 -20.07
N ASP A 247 -1.10 -16.49 -20.73
CA ASP A 247 -2.28 -16.03 -20.02
C ASP A 247 -3.30 -17.14 -19.76
N MET A 248 -3.10 -18.33 -20.34
CA MET A 248 -3.93 -19.52 -20.13
C MET A 248 -5.42 -19.22 -20.33
N GLY A 249 -5.71 -18.28 -21.21
CA GLY A 249 -7.06 -17.98 -21.62
C GLY A 249 -7.81 -17.08 -20.66
N LEU A 250 -7.11 -16.56 -19.67
CA LEU A 250 -7.66 -15.70 -18.61
C LEU A 250 -7.42 -14.24 -18.98
N VAL A 251 -8.20 -13.35 -18.37
CA VAL A 251 -8.10 -11.91 -18.61
C VAL A 251 -7.87 -11.20 -17.28
N PRO A 252 -6.70 -10.62 -17.05
CA PRO A 252 -6.48 -9.87 -15.80
C PRO A 252 -7.55 -8.80 -15.65
N ALA A 253 -8.13 -8.77 -14.46
CA ALA A 253 -9.27 -7.92 -14.15
C ALA A 253 -8.91 -6.51 -13.70
N MET A 254 -7.72 -6.29 -13.19
CA MET A 254 -7.29 -4.97 -12.70
C MET A 254 -6.53 -4.14 -13.73
N THR A 255 -6.98 -2.89 -13.92
CA THR A 255 -6.26 -1.89 -14.68
C THR A 255 -5.95 -0.71 -13.75
N VAL A 256 -4.66 -0.42 -13.56
CA VAL A 256 -4.26 0.73 -12.76
C VAL A 256 -3.93 1.85 -13.74
N LYS A 257 -4.57 3.00 -13.55
CA LYS A 257 -4.47 4.12 -14.47
C LYS A 257 -4.59 5.42 -13.67
N CYS A 258 -4.11 6.51 -14.27
CA CYS A 258 -4.20 7.81 -13.61
C CYS A 258 -4.33 8.88 -14.67
N ALA A 259 -4.87 10.03 -14.27
CA ALA A 259 -4.90 11.17 -15.17
C ALA A 259 -3.53 11.86 -15.22
N VAL A 260 -3.11 12.25 -16.42
CA VAL A 260 -1.93 13.10 -16.58
C VAL A 260 -2.19 14.45 -15.91
N ALA A 261 -1.32 14.82 -14.97
CA ALA A 261 -1.52 16.04 -14.20
C ALA A 261 -0.86 17.26 -14.81
N LEU A 262 0.19 17.09 -15.59
CA LEU A 262 0.95 18.18 -16.18
C LEU A 262 1.73 17.62 -17.38
N VAL A 263 1.81 18.41 -18.44
CA VAL A 263 2.72 18.18 -19.55
C VAL A 263 3.68 19.35 -19.59
N LYS A 264 4.96 19.09 -19.85
CA LYS A 264 5.89 20.21 -19.91
C LYS A 264 7.06 19.82 -20.80
N SER A 265 7.73 20.84 -21.33
CA SER A 265 8.93 20.60 -22.12
C SER A 265 10.14 20.76 -21.22
N ILE A 266 11.20 20.05 -21.56
CA ILE A 266 12.49 20.23 -20.89
C ILE A 266 13.60 20.26 -21.94
N ARG A 267 14.73 20.83 -21.53
CA ARG A 267 15.90 20.95 -22.38
C ARG A 267 16.91 19.85 -22.07
N ALA A 268 17.64 19.43 -23.08
CA ALA A 268 18.78 18.55 -22.88
C ALA A 268 19.66 19.08 -21.75
N GLY A 269 20.14 18.18 -20.89
CA GLY A 269 20.96 18.53 -19.76
C GLY A 269 20.23 18.71 -18.44
N GLU A 270 18.90 18.78 -18.45
CA GLU A 270 18.14 19.04 -17.24
C GLU A 270 17.86 17.74 -16.48
N GLY A 271 18.05 17.79 -15.15
CA GLY A 271 17.68 16.68 -14.30
C GLY A 271 16.19 16.59 -13.99
N VAL A 272 15.78 15.39 -13.56
CA VAL A 272 14.36 15.09 -13.33
C VAL A 272 14.18 14.29 -12.04
N SER A 273 13.21 14.72 -11.23
CA SER A 273 12.79 14.05 -10.01
C SER A 273 13.85 14.14 -8.89
N TYR A 274 13.52 13.65 -7.70
CA TYR A 274 14.42 13.85 -6.56
C TYR A 274 15.74 13.15 -6.84
N GLY A 275 16.84 13.84 -6.54
CA GLY A 275 18.17 13.35 -6.80
C GLY A 275 18.70 13.61 -8.20
N HIS A 276 17.82 13.98 -9.14
CA HIS A 276 18.24 14.16 -10.53
C HIS A 276 19.04 12.96 -11.01
N THR A 277 18.46 11.77 -10.80
CA THR A 277 19.10 10.53 -11.26
C THR A 277 19.01 10.35 -12.77
N TRP A 278 18.23 11.17 -13.45
CA TRP A 278 18.10 11.13 -14.89
C TRP A 278 18.31 12.54 -15.45
N ILE A 279 19.21 12.64 -16.43
CA ILE A 279 19.52 13.90 -17.10
C ILE A 279 19.06 13.74 -18.56
N ALA A 280 18.24 14.67 -19.02
CA ALA A 280 17.71 14.60 -20.37
C ALA A 280 18.83 14.58 -21.40
N PRO A 281 18.92 13.55 -22.25
CA PRO A 281 19.92 13.56 -23.34
C PRO A 281 19.54 14.47 -24.51
N ARG A 282 18.27 14.89 -24.59
CA ARG A 282 17.77 15.68 -25.71
C ARG A 282 16.61 16.54 -25.20
N ASP A 283 16.31 17.61 -25.93
CA ASP A 283 15.08 18.33 -25.65
C ASP A 283 13.91 17.36 -25.84
N THR A 284 12.92 17.42 -24.95
CA THR A 284 11.83 16.45 -25.03
C THR A 284 10.65 16.98 -24.22
N ASN A 285 9.54 16.23 -24.26
CA ASN A 285 8.37 16.52 -23.45
C ASN A 285 8.17 15.46 -22.38
N LEU A 286 7.72 15.90 -21.20
CA LEU A 286 7.41 14.98 -20.10
C LEU A 286 5.98 15.12 -19.61
N ALA A 287 5.49 14.07 -18.95
CA ALA A 287 4.21 14.11 -18.25
C ALA A 287 4.41 13.73 -16.80
N LEU A 288 3.72 14.45 -15.92
CA LEU A 288 3.71 14.21 -14.48
C LEU A 288 2.50 13.34 -14.14
N LEU A 289 2.75 12.16 -13.60
CA LEU A 289 1.69 11.26 -13.16
C LEU A 289 1.61 11.30 -11.64
N PRO A 290 0.49 11.70 -11.05
CA PRO A 290 0.48 12.02 -9.62
C PRO A 290 0.17 10.86 -8.68
N ILE A 291 0.85 9.74 -8.90
CA ILE A 291 0.85 8.64 -7.95
C ILE A 291 2.29 8.17 -7.76
N GLY A 292 2.58 7.63 -6.58
CA GLY A 292 3.95 7.25 -6.22
C GLY A 292 4.03 6.00 -5.36
N TYR A 293 5.15 5.83 -4.65
CA TYR A 293 5.36 4.58 -3.92
C TYR A 293 4.45 4.47 -2.70
N ALA A 294 4.02 5.59 -2.10
CA ALA A 294 3.02 5.50 -1.04
C ALA A 294 1.66 5.05 -1.55
N ASP A 295 1.45 5.07 -2.87
CA ASP A 295 0.23 4.58 -3.48
C ASP A 295 0.39 3.18 -4.06
N GLY A 296 1.56 2.56 -3.87
CA GLY A 296 1.80 1.22 -4.35
C GLY A 296 2.62 1.12 -5.62
N VAL A 297 3.11 2.23 -6.16
CA VAL A 297 3.99 2.20 -7.32
C VAL A 297 5.39 1.94 -6.77
N PHE A 298 5.80 0.67 -6.76
CA PHE A 298 7.09 0.28 -6.17
C PHE A 298 8.20 1.24 -6.58
N ARG A 299 8.93 1.76 -5.59
CA ARG A 299 9.99 2.71 -5.89
C ARG A 299 11.05 2.13 -6.81
N SER A 300 11.31 0.82 -6.72
CA SER A 300 12.30 0.18 -7.57
C SER A 300 11.88 0.11 -9.04
N LEU A 301 10.66 0.50 -9.38
CA LEU A 301 10.24 0.64 -10.77
C LEU A 301 10.84 1.89 -11.43
N GLY A 302 11.38 2.81 -10.64
CA GLY A 302 11.97 4.03 -11.16
C GLY A 302 12.95 3.74 -12.28
N GLY A 303 12.74 4.40 -13.41
CA GLY A 303 13.64 4.29 -14.53
C GLY A 303 13.54 2.99 -15.28
N ARG A 304 12.56 2.15 -14.96
CA ARG A 304 12.37 0.86 -15.61
C ARG A 304 10.98 0.69 -16.21
N LEU A 305 9.93 1.14 -15.53
CA LEU A 305 8.57 0.94 -16.00
C LEU A 305 8.25 1.84 -17.18
N GLU A 306 7.24 1.43 -17.94
CA GLU A 306 6.62 2.19 -19.02
C GLU A 306 5.14 2.33 -18.70
N VAL A 307 4.53 3.39 -19.19
CA VAL A 307 3.08 3.55 -19.14
C VAL A 307 2.58 3.65 -20.56
N LEU A 308 1.27 3.44 -20.72
CA LEU A 308 0.62 3.62 -22.02
C LEU A 308 -0.20 4.90 -21.97
N ILE A 309 0.07 5.81 -22.90
CA ILE A 309 -0.71 7.04 -23.04
C ILE A 309 -1.09 7.20 -24.50
N ASN A 310 -2.39 7.29 -24.77
CA ASN A 310 -2.94 7.42 -26.10
C ASN A 310 -2.26 6.42 -27.06
N GLY A 311 -2.15 5.17 -26.61
CA GLY A 311 -1.68 4.08 -27.45
C GLY A 311 -0.18 3.92 -27.57
N ARG A 312 0.60 4.76 -26.91
CA ARG A 312 2.05 4.76 -27.01
C ARG A 312 2.68 4.49 -25.66
N ARG A 313 3.76 3.71 -25.66
CA ARG A 313 4.58 3.48 -24.47
C ARG A 313 5.47 4.68 -24.16
N CYS A 314 5.45 5.11 -22.90
CA CYS A 314 6.21 6.25 -22.41
C CYS A 314 7.04 5.79 -21.22
N PRO A 315 8.37 5.79 -21.30
CA PRO A 315 9.14 5.29 -20.15
C PRO A 315 9.20 6.26 -18.98
N GLY A 316 9.18 5.70 -17.78
CA GLY A 316 9.44 6.49 -16.60
C GLY A 316 10.88 6.98 -16.60
N VAL A 317 11.08 8.21 -16.13
CA VAL A 317 12.41 8.80 -16.02
C VAL A 317 12.58 9.41 -14.65
N GLY A 318 13.74 9.17 -14.05
CA GLY A 318 14.00 9.64 -12.71
C GLY A 318 13.32 8.80 -11.66
N ARG A 319 13.52 9.20 -10.42
CA ARG A 319 13.03 8.42 -9.29
C ARG A 319 11.51 8.51 -9.18
N ILE A 320 10.92 7.41 -8.73
CA ILE A 320 9.56 7.44 -8.22
C ILE A 320 9.56 8.16 -6.88
N CYS A 321 8.74 9.20 -6.74
CA CYS A 321 8.61 9.92 -5.49
C CYS A 321 7.46 9.32 -4.68
N MET A 322 7.25 9.86 -3.47
CA MET A 322 6.23 9.34 -2.59
C MET A 322 4.87 9.30 -3.27
N ASN A 323 4.53 10.35 -4.04
CA ASN A 323 3.21 10.40 -4.66
C ASN A 323 3.22 10.86 -6.13
N GLN A 324 4.32 10.70 -6.84
CA GLN A 324 4.31 11.09 -8.24
C GLN A 324 5.56 10.54 -8.92
N PHE A 325 5.49 10.48 -10.24
CA PHE A 325 6.69 10.29 -11.05
C PHE A 325 6.47 10.90 -12.42
N MET A 326 7.54 10.88 -13.22
CA MET A 326 7.57 11.49 -14.54
C MET A 326 7.78 10.43 -15.60
N VAL A 327 7.18 10.64 -16.76
CA VAL A 327 7.42 9.80 -17.93
C VAL A 327 7.84 10.69 -19.10
N ASP A 328 8.63 10.11 -19.98
CA ASP A 328 9.14 10.79 -21.16
C ASP A 328 8.19 10.54 -22.32
N LEU A 329 7.59 11.62 -22.81
CA LEU A 329 6.74 11.52 -23.99
C LEU A 329 7.51 11.59 -25.30
N GLY A 330 8.81 11.92 -25.25
CA GLY A 330 9.59 12.06 -26.46
C GLY A 330 9.46 13.44 -27.04
N PRO A 331 10.33 13.75 -28.01
CA PRO A 331 10.30 15.06 -28.67
C PRO A 331 9.45 15.13 -29.94
N GLY A 332 8.70 14.08 -30.24
CA GLY A 332 7.83 14.07 -31.39
C GLY A 332 6.66 15.00 -31.14
N PRO A 333 5.83 15.22 -32.16
CA PRO A 333 4.68 16.13 -31.98
C PRO A 333 3.85 15.73 -30.76
N LEU A 334 3.54 16.71 -29.90
CA LEU A 334 2.89 16.42 -28.64
C LEU A 334 1.50 15.83 -28.87
N ASP A 335 1.26 14.67 -28.29
CA ASP A 335 -0.03 13.99 -28.46
C ASP A 335 -0.64 13.64 -27.10
N VAL A 336 -0.25 14.37 -26.06
CA VAL A 336 -0.74 14.18 -24.69
C VAL A 336 -1.16 15.53 -24.13
N ALA A 337 -2.32 15.55 -23.47
CA ALA A 337 -2.76 16.73 -22.75
C ALA A 337 -3.02 16.39 -21.29
N GLU A 338 -2.94 17.42 -20.45
CA GLU A 338 -3.39 17.25 -19.07
C GLU A 338 -4.81 16.68 -19.06
N GLY A 339 -5.05 15.74 -18.16
CA GLY A 339 -6.32 15.06 -18.05
C GLY A 339 -6.44 13.82 -18.90
N ASP A 340 -5.49 13.58 -19.79
CA ASP A 340 -5.49 12.35 -20.56
C ASP A 340 -5.17 11.18 -19.63
N GLU A 341 -5.47 9.97 -20.10
CA GLU A 341 -5.39 8.77 -19.27
C GLU A 341 -4.07 8.04 -19.51
N ALA A 342 -3.34 7.77 -18.44
CA ALA A 342 -2.15 6.93 -18.51
C ALA A 342 -2.47 5.60 -17.87
N ILE A 343 -2.13 4.50 -18.55
CA ILE A 343 -2.35 3.17 -18.00
C ILE A 343 -1.01 2.61 -17.53
N LEU A 344 -0.92 2.31 -16.24
CA LEU A 344 0.29 1.71 -15.66
C LEU A 344 0.33 0.19 -15.91
N PHE A 345 -0.75 -0.54 -15.61
CA PHE A 345 -0.81 -1.93 -16.04
C PHE A 345 -2.28 -2.33 -16.18
N GLY A 346 -2.49 -3.44 -16.89
CA GLY A 346 -3.81 -3.95 -17.16
C GLY A 346 -3.71 -5.32 -17.79
N PRO A 347 -4.81 -5.79 -18.43
CA PRO A 347 -4.75 -7.10 -19.10
C PRO A 347 -3.80 -7.14 -20.31
N GLY A 348 -3.47 -5.98 -20.89
CA GLY A 348 -2.58 -5.91 -22.04
C GLY A 348 -3.30 -5.78 -23.37
N ILE A 349 -4.61 -5.68 -23.34
CA ILE A 349 -5.40 -5.70 -24.58
C ILE A 349 -5.08 -4.53 -25.47
N ARG A 350 -4.81 -3.37 -24.88
CA ARG A 350 -4.52 -2.15 -25.60
C ARG A 350 -3.02 -1.92 -25.77
N GLY A 351 -2.20 -2.91 -25.41
CA GLY A 351 -0.76 -2.76 -25.48
C GLY A 351 -0.10 -2.25 -24.21
N GLU A 352 -0.87 -2.05 -23.14
CA GLU A 352 -0.31 -1.62 -21.87
C GLU A 352 0.49 -2.74 -21.21
N PRO A 353 1.37 -2.38 -20.28
CA PRO A 353 2.07 -3.40 -19.50
C PRO A 353 1.06 -4.18 -18.67
N THR A 354 1.48 -5.36 -18.25
CA THR A 354 0.70 -6.19 -17.35
C THR A 354 1.29 -6.18 -15.96
N ALA A 355 0.53 -6.71 -15.00
CA ALA A 355 1.06 -6.90 -13.66
C ALA A 355 2.29 -7.79 -13.68
N GLN A 356 2.30 -8.81 -14.54
CA GLN A 356 3.48 -9.65 -14.65
C GLN A 356 4.71 -8.86 -15.11
N ASP A 357 4.53 -7.88 -16.00
CA ASP A 357 5.65 -7.02 -16.40
C ASP A 357 6.27 -6.32 -15.19
N TRP A 358 5.45 -5.71 -14.34
CA TRP A 358 5.94 -5.12 -13.10
C TRP A 358 6.69 -6.17 -12.26
N ALA A 359 6.09 -7.35 -12.11
CA ALA A 359 6.72 -8.38 -11.28
C ALA A 359 8.11 -8.74 -11.81
N ASP A 360 8.23 -8.82 -13.14
CA ASP A 360 9.52 -9.08 -13.77
C ASP A 360 10.51 -7.96 -13.49
N LEU A 361 10.06 -6.72 -13.57
CA LEU A 361 10.98 -5.59 -13.43
C LEU A 361 11.55 -5.49 -12.02
N VAL A 362 10.73 -5.74 -11.00
CA VAL A 362 11.18 -5.55 -9.63
C VAL A 362 11.55 -6.86 -8.95
N GLY A 363 11.35 -7.99 -9.63
CA GLY A 363 11.78 -9.28 -9.10
C GLY A 363 10.82 -9.91 -8.11
N THR A 364 9.51 -9.83 -8.38
CA THR A 364 8.50 -10.40 -7.49
C THR A 364 7.50 -11.18 -8.35
N ILE A 365 6.27 -11.32 -7.83
CA ILE A 365 5.19 -12.05 -8.48
C ILE A 365 3.98 -11.12 -8.61
N HIS A 366 3.12 -11.39 -9.61
CA HIS A 366 1.97 -10.50 -9.79
C HIS A 366 1.05 -10.47 -8.57
N TYR A 367 1.03 -11.54 -7.75
CA TYR A 367 0.25 -11.51 -6.51
C TYR A 367 0.56 -10.25 -5.70
N GLU A 368 1.84 -9.88 -5.60
CA GLU A 368 2.23 -8.73 -4.79
C GLU A 368 1.92 -7.43 -5.53
N VAL A 369 2.00 -7.47 -6.86
CA VAL A 369 1.66 -6.28 -7.65
C VAL A 369 0.22 -5.86 -7.38
N VAL A 370 -0.73 -6.78 -7.49
CA VAL A 370 -2.13 -6.35 -7.40
C VAL A 370 -2.60 -6.07 -5.97
N THR A 371 -1.90 -6.58 -4.93
CA THR A 371 -2.19 -6.19 -3.56
C THR A 371 -1.48 -4.90 -3.14
N SER A 372 -0.80 -4.21 -4.09
CA SER A 372 -0.11 -2.97 -3.76
C SER A 372 -0.93 -1.68 -3.95
N PRO A 373 -1.66 -1.49 -5.06
CA PRO A 373 -2.32 -0.19 -5.30
C PRO A 373 -3.22 0.21 -4.14
N ARG A 374 -3.11 1.48 -3.74
CA ARG A 374 -3.77 1.99 -2.54
C ARG A 374 -3.63 3.51 -2.55
N GLY A 375 -4.04 4.14 -1.45
CA GLY A 375 -3.82 5.56 -1.28
C GLY A 375 -4.62 6.36 -2.30
N ARG A 376 -3.90 7.12 -3.12
CA ARG A 376 -4.55 7.91 -4.17
C ARG A 376 -5.17 7.06 -5.26
N ILE A 377 -4.84 5.77 -5.32
CA ILE A 377 -5.40 4.87 -6.33
C ILE A 377 -6.69 4.32 -5.75
N THR A 378 -7.81 4.90 -6.18
CA THR A 378 -9.14 4.50 -5.75
C THR A 378 -9.58 3.24 -6.49
N ARG A 379 -10.10 2.26 -5.75
CA ARG A 379 -10.65 1.07 -6.41
C ARG A 379 -12.02 1.40 -6.99
N THR A 380 -12.19 1.08 -8.27
CA THR A 380 -13.44 1.28 -9.00
C THR A 380 -13.82 0.00 -9.73
N TYR A 381 -15.04 -0.02 -10.25
CA TYR A 381 -15.59 -1.21 -10.87
C TYR A 381 -16.24 -0.91 -12.22
N ARG A 382 -15.97 -1.76 -13.19
CA ARG A 382 -16.70 -1.79 -14.46
C ARG A 382 -17.66 -2.98 -14.40
N GLU A 383 -18.95 -2.73 -14.57
CA GLU A 383 -19.91 -3.82 -14.47
C GLU A 383 -19.79 -4.71 -15.69
N ALA A 384 -20.15 -5.98 -15.50
CA ALA A 384 -20.19 -6.92 -16.61
C ALA A 384 -21.39 -6.58 -17.50
N GLU A 385 -21.16 -6.57 -18.81
CA GLU A 385 -22.23 -6.36 -19.77
C GLU A 385 -23.27 -7.50 -19.77
N ALA B 15 -1.33 -8.21 14.61
CA ALA B 15 -0.24 -7.33 14.21
C ALA B 15 -0.58 -5.85 14.30
N GLU B 16 0.41 -5.01 14.58
CA GLU B 16 0.13 -3.58 14.71
C GLU B 16 1.35 -2.77 14.32
N ALA B 17 1.08 -1.54 13.85
CA ALA B 17 2.11 -0.52 13.59
C ALA B 17 1.93 0.56 14.65
N MET B 18 2.68 0.40 15.75
CA MET B 18 2.53 1.23 16.95
C MET B 18 3.30 2.52 16.77
N VAL B 19 2.58 3.64 16.75
CA VAL B 19 3.16 4.97 16.63
C VAL B 19 3.29 5.55 18.01
N ASP B 20 4.53 5.84 18.42
CA ASP B 20 4.80 6.46 19.71
C ASP B 20 4.71 7.98 19.58
N LEU B 21 3.59 8.56 19.98
CA LEU B 21 3.45 10.00 19.88
C LEU B 21 4.43 10.73 20.80
N GLY B 22 5.01 10.04 21.79
CA GLY B 22 6.08 10.65 22.56
C GLY B 22 7.32 10.89 21.71
N ALA B 23 7.61 9.98 20.79
CA ALA B 23 8.74 10.15 19.89
C ALA B 23 8.46 11.28 18.90
N ILE B 24 7.26 11.30 18.32
CA ILE B 24 6.87 12.42 17.46
C ILE B 24 7.12 13.73 18.19
N GLU B 25 6.59 13.84 19.41
CA GLU B 25 6.74 15.06 20.17
C GLU B 25 8.21 15.39 20.41
N HIS B 26 9.02 14.38 20.75
CA HIS B 26 10.45 14.59 20.91
C HIS B 26 11.10 15.07 19.61
N ASN B 27 10.74 14.45 18.48
CA ASN B 27 11.36 14.83 17.20
C ASN B 27 10.98 16.25 16.81
N VAL B 28 9.72 16.63 17.07
CA VAL B 28 9.30 18.00 16.77
C VAL B 28 10.10 18.98 17.62
N ARG B 29 10.37 18.62 18.87
CA ARG B 29 11.13 19.53 19.72
C ARG B 29 12.56 19.64 19.23
N VAL B 30 13.14 18.53 18.78
CA VAL B 30 14.49 18.58 18.21
C VAL B 30 14.51 19.45 16.96
N LEU B 31 13.53 19.28 16.07
CA LEU B 31 13.54 20.05 14.83
C LEU B 31 13.43 21.55 15.10
N ARG B 32 12.63 21.94 16.09
CA ARG B 32 12.50 23.35 16.41
C ARG B 32 13.80 23.94 16.94
N GLU B 33 14.59 23.14 17.66
CA GLU B 33 15.92 23.60 18.06
C GLU B 33 16.78 23.94 16.85
N HIS B 34 16.72 23.11 15.81
CA HIS B 34 17.54 23.37 14.63
C HIS B 34 17.00 24.54 13.81
N ALA B 35 15.69 24.76 13.82
CA ALA B 35 15.10 25.81 13.00
C ALA B 35 15.29 27.20 13.60
N GLY B 36 15.62 27.28 14.88
CA GLY B 36 15.91 28.57 15.48
C GLY B 36 14.70 29.47 15.45
N HIS B 37 14.82 30.59 14.74
CA HIS B 37 13.74 31.56 14.71
C HIS B 37 12.69 31.23 13.67
N ALA B 38 12.94 30.28 12.77
CA ALA B 38 11.96 29.97 11.75
C ALA B 38 10.78 29.18 12.32
N GLN B 39 9.59 29.51 11.83
CA GLN B 39 8.40 28.72 12.14
C GLN B 39 8.48 27.37 11.43
N LEU B 40 7.89 26.36 12.07
CA LEU B 40 7.96 24.98 11.57
C LEU B 40 6.61 24.56 11.01
N MET B 41 6.64 24.06 9.77
CA MET B 41 5.49 23.45 9.10
C MET B 41 5.74 21.94 9.05
N ALA B 42 4.97 21.20 9.85
CA ALA B 42 5.10 19.74 9.91
C ALA B 42 4.42 19.13 8.69
N VAL B 43 5.15 18.32 7.94
CA VAL B 43 4.61 17.74 6.71
C VAL B 43 4.00 16.39 7.02
N VAL B 44 2.70 16.28 6.75
CA VAL B 44 1.92 15.11 7.12
C VAL B 44 1.15 14.52 5.93
N ALA B 46 0.46 11.91 2.68
CA ALA B 46 0.43 10.42 2.66
C ALA B 46 0.07 9.83 4.04
N ASP B 47 -1.01 10.40 4.60
CA ASP B 47 -1.53 10.00 5.91
C ASP B 47 -0.42 9.99 6.97
N GLY B 48 0.29 11.10 7.06
CA GLY B 48 1.38 11.19 8.02
C GLY B 48 2.48 10.20 7.74
N TYR B 49 2.86 10.05 6.46
CA TYR B 49 3.87 9.06 6.05
C TYR B 49 3.54 7.69 6.65
N GLY B 50 2.26 7.34 6.66
CA GLY B 50 1.84 6.07 7.21
C GLY B 50 1.65 6.04 8.72
N HIS B 51 1.94 7.15 9.42
CA HIS B 51 1.86 7.24 10.87
C HIS B 51 0.52 7.79 11.36
N GLY B 52 -0.31 8.28 10.45
CA GLY B 52 -1.59 8.88 10.78
C GLY B 52 -1.50 10.39 10.80
N ALA B 53 -2.01 11.04 9.75
CA ALA B 53 -1.85 12.48 9.62
C ALA B 53 -2.46 13.22 10.78
N THR B 54 -3.66 12.80 11.21
CA THR B 54 -4.36 13.59 12.21
C THR B 54 -3.68 13.51 13.57
N ARG B 55 -3.33 12.30 14.00
CA ARG B 55 -2.74 12.15 15.33
C ARG B 55 -1.34 12.77 15.36
N VAL B 56 -0.54 12.57 14.31
CA VAL B 56 0.77 13.21 14.26
C VAL B 56 0.63 14.73 14.19
N ALA B 57 -0.36 15.21 13.45
CA ALA B 57 -0.56 16.65 13.36
C ALA B 57 -0.91 17.25 14.72
N GLN B 58 -1.88 16.64 15.42
CA GLN B 58 -2.25 17.15 16.74
C GLN B 58 -1.04 17.22 17.65
N THR B 59 -0.20 16.19 17.58
CA THR B 59 0.94 16.05 18.47
C THR B 59 2.00 17.09 18.14
N ALA B 60 2.27 17.28 16.85
CA ALA B 60 3.28 18.25 16.42
C ALA B 60 2.88 19.66 16.82
N LEU B 61 1.62 20.03 16.55
CA LEU B 61 1.13 21.35 16.92
C LEU B 61 1.25 21.58 18.41
N GLY B 62 0.89 20.58 19.22
CA GLY B 62 1.12 20.68 20.65
C GLY B 62 2.58 20.89 21.00
N ALA B 63 3.47 20.23 20.27
CA ALA B 63 4.90 20.34 20.53
C ALA B 63 5.54 21.60 19.91
N GLY B 64 4.74 22.50 19.34
CA GLY B 64 5.24 23.78 18.87
C GLY B 64 5.26 24.01 17.38
N ALA B 65 4.89 23.02 16.57
CA ALA B 65 4.72 23.26 15.14
C ALA B 65 3.67 24.35 14.93
N ALA B 66 3.93 25.26 13.99
CA ALA B 66 3.03 26.36 13.70
C ALA B 66 1.99 26.03 12.66
N GLU B 67 2.38 25.30 11.62
CA GLU B 67 1.50 24.99 10.51
C GLU B 67 1.70 23.55 10.09
N LEU B 68 0.75 23.05 9.30
CA LEU B 68 0.82 21.73 8.70
C LEU B 68 0.94 21.85 7.18
N GLY B 69 1.65 20.91 6.57
CA GLY B 69 1.75 20.84 5.12
C GLY B 69 1.31 19.48 4.59
N VAL B 70 0.54 19.50 3.51
CA VAL B 70 0.08 18.28 2.85
C VAL B 70 0.21 18.48 1.36
N ALA B 71 0.21 17.37 0.63
CA ALA B 71 0.21 17.48 -0.83
C ALA B 71 -1.14 17.99 -1.35
N THR B 72 -2.23 17.31 -0.98
CA THR B 72 -3.49 17.54 -1.68
C THR B 72 -4.50 18.25 -0.80
N VAL B 73 -5.42 18.93 -1.47
CA VAL B 73 -6.54 19.53 -0.78
C VAL B 73 -7.35 18.46 -0.04
N ASP B 74 -7.48 17.26 -0.66
CA ASP B 74 -8.21 16.18 -0.02
C ASP B 74 -7.60 15.83 1.33
N GLU B 75 -6.25 15.74 1.39
CA GLU B 75 -5.58 15.52 2.66
C GLU B 75 -5.88 16.65 3.66
N ALA B 76 -5.93 17.89 3.18
CA ALA B 76 -6.20 19.03 4.05
C ALA B 76 -7.63 18.99 4.57
N LEU B 77 -8.58 18.60 3.72
CA LEU B 77 -9.97 18.50 4.14
C LEU B 77 -10.17 17.39 5.17
N ALA B 78 -9.42 16.29 5.04
CA ALA B 78 -9.44 15.24 6.06
C ALA B 78 -9.00 15.76 7.42
N LEU B 79 -7.91 16.51 7.47
CA LEU B 79 -7.50 17.09 8.74
C LEU B 79 -8.56 18.04 9.28
N ARG B 80 -9.12 18.88 8.42
CA ARG B 80 -10.19 19.78 8.86
C ARG B 80 -11.38 18.99 9.41
N ALA B 81 -11.76 17.90 8.74
CA ALA B 81 -12.91 17.13 9.17
C ALA B 81 -12.65 16.46 10.52
N ASP B 82 -11.41 16.14 10.84
CA ASP B 82 -11.07 15.62 12.16
C ASP B 82 -10.95 16.72 13.22
N GLY B 83 -11.25 17.97 12.87
CA GLY B 83 -11.24 19.03 13.85
C GLY B 83 -9.97 19.85 13.98
N ILE B 84 -9.05 19.71 13.03
CA ILE B 84 -7.83 20.51 13.04
C ILE B 84 -8.16 21.91 12.54
N THR B 85 -7.78 22.93 13.30
CA THR B 85 -8.01 24.32 12.91
C THR B 85 -6.76 25.10 12.59
N ALA B 86 -5.57 24.53 12.85
CA ALA B 86 -4.31 25.19 12.55
C ALA B 86 -4.15 25.41 11.04
N PRO B 87 -3.25 26.29 10.63
CA PRO B 87 -3.06 26.53 9.19
C PRO B 87 -2.61 25.26 8.49
N VAL B 88 -3.17 25.02 7.31
CA VAL B 88 -2.78 23.88 6.48
C VAL B 88 -2.58 24.36 5.04
N LEU B 89 -1.46 23.95 4.44
CA LEU B 89 -1.11 24.33 3.08
C LEU B 89 -1.06 23.07 2.23
N ALA B 90 -1.71 23.14 1.05
CA ALA B 90 -1.73 22.04 0.09
C ALA B 90 -1.12 22.50 -1.22
N TRP B 91 -0.24 21.68 -1.82
CA TRP B 91 0.51 22.15 -2.96
C TRP B 91 0.51 21.30 -4.22
N LEU B 92 -0.23 20.19 -4.29
CA LEU B 92 -0.33 19.37 -5.51
C LEU B 92 -1.80 19.24 -5.85
N HIS B 93 -2.20 19.80 -7.01
CA HIS B 93 -3.60 19.85 -7.42
C HIS B 93 -3.76 19.27 -8.81
N PRO B 94 -4.62 18.26 -9.00
CA PRO B 94 -4.81 17.67 -10.31
C PRO B 94 -5.59 18.62 -11.19
N PRO B 95 -5.44 18.52 -12.51
CA PRO B 95 -6.33 19.26 -13.40
C PRO B 95 -7.79 18.95 -13.06
N GLY B 96 -8.63 19.99 -13.07
CA GLY B 96 -10.04 19.81 -12.83
C GLY B 96 -10.47 20.03 -11.40
N ILE B 97 -9.52 20.25 -10.49
CA ILE B 97 -9.87 20.42 -9.10
C ILE B 97 -10.85 21.57 -8.91
N ASP B 98 -11.76 21.40 -7.96
CA ASP B 98 -12.63 22.48 -7.50
C ASP B 98 -11.99 23.03 -6.24
N PHE B 99 -11.46 24.26 -6.34
CA PHE B 99 -10.85 24.89 -5.19
C PHE B 99 -11.86 25.42 -4.18
N GLY B 100 -13.16 25.37 -4.49
CA GLY B 100 -14.15 25.94 -3.62
C GLY B 100 -14.16 25.36 -2.22
N PRO B 101 -14.23 24.02 -2.12
CA PRO B 101 -14.18 23.38 -0.79
C PRO B 101 -12.94 23.74 0.02
N ALA B 102 -11.77 23.85 -0.62
CA ALA B 102 -10.60 24.33 0.11
C ALA B 102 -10.84 25.71 0.71
N LEU B 103 -11.40 26.62 -0.08
CA LEU B 103 -11.60 27.98 0.39
C LEU B 103 -12.59 28.01 1.55
N LEU B 104 -13.68 27.26 1.43
CA LEU B 104 -14.68 27.26 2.49
C LEU B 104 -14.16 26.61 3.77
N ALA B 105 -13.14 25.74 3.67
CA ALA B 105 -12.55 25.08 4.84
C ALA B 105 -11.26 25.74 5.33
N ASP B 106 -10.98 26.97 4.90
CA ASP B 106 -9.80 27.74 5.35
C ASP B 106 -8.50 27.00 5.04
N VAL B 107 -8.45 26.34 3.89
CA VAL B 107 -7.22 25.65 3.46
C VAL B 107 -6.41 26.57 2.56
N GLN B 108 -5.12 26.72 2.87
CA GLN B 108 -4.23 27.49 2.02
C GLN B 108 -3.85 26.71 0.78
N VAL B 109 -3.73 27.42 -0.34
CA VAL B 109 -3.50 26.80 -1.64
C VAL B 109 -2.20 27.33 -2.22
N ALA B 110 -1.29 26.42 -2.60
CA ALA B 110 -0.11 26.80 -3.37
C ALA B 110 -0.41 26.55 -4.84
N VAL B 111 -0.27 27.61 -5.64
CA VAL B 111 -0.53 27.54 -7.07
C VAL B 111 0.83 27.46 -7.76
N SER B 112 0.86 26.72 -8.85
CA SER B 112 2.11 26.47 -9.56
C SER B 112 2.00 26.82 -11.05
N SER B 113 0.98 27.57 -11.42
CA SER B 113 0.81 27.98 -12.81
C SER B 113 -0.26 29.07 -12.83
N LEU B 114 -0.24 29.86 -13.90
CA LEU B 114 -1.28 30.87 -14.09
C LEU B 114 -2.66 30.22 -14.24
N ARG B 115 -2.72 29.04 -14.88
CA ARG B 115 -3.99 28.32 -14.99
C ARG B 115 -4.55 28.02 -13.61
N GLN B 116 -3.69 27.53 -12.71
CA GLN B 116 -4.18 27.23 -11.37
C GLN B 116 -4.65 28.50 -10.68
N LEU B 117 -3.90 29.61 -10.85
CA LEU B 117 -4.35 30.87 -10.26
C LEU B 117 -5.71 31.27 -10.80
N ASP B 118 -5.90 31.18 -12.12
CA ASP B 118 -7.18 31.58 -12.69
C ASP B 118 -8.31 30.71 -12.16
N GLU B 119 -8.06 29.41 -12.01
CA GLU B 119 -9.04 28.51 -11.44
C GLU B 119 -9.38 28.89 -10.01
N LEU B 120 -8.35 29.19 -9.21
CA LEU B 120 -8.55 29.64 -7.84
C LEU B 120 -9.41 30.91 -7.80
N LEU B 121 -9.11 31.87 -8.66
CA LEU B 121 -9.82 33.13 -8.64
C LEU B 121 -11.30 32.92 -9.01
N HIS B 122 -11.61 32.02 -9.95
CA HIS B 122 -13.02 31.77 -10.23
C HIS B 122 -13.71 31.20 -8.99
N ALA B 123 -13.01 30.31 -8.25
CA ALA B 123 -13.57 29.77 -7.03
C ALA B 123 -13.71 30.83 -5.94
N VAL B 124 -12.80 31.82 -5.89
CA VAL B 124 -12.93 32.92 -4.94
C VAL B 124 -14.22 33.70 -5.19
N ARG B 125 -14.51 33.99 -6.46
CA ARG B 125 -15.74 34.73 -6.74
C ARG B 125 -16.97 33.90 -6.40
N ARG B 126 -16.93 32.61 -6.71
CA ARG B 126 -18.06 31.70 -6.46
C ARG B 126 -18.35 31.58 -4.98
N THR B 127 -17.31 31.36 -4.16
CA THR B 127 -17.50 31.20 -2.72
C THR B 127 -17.60 32.50 -1.96
N GLY B 128 -17.14 33.61 -2.53
CA GLY B 128 -16.99 34.83 -1.77
C GLY B 128 -15.89 34.81 -0.74
N ARG B 129 -14.97 33.85 -0.79
CA ARG B 129 -13.91 33.67 0.21
C ARG B 129 -12.53 34.00 -0.37
N THR B 130 -11.86 34.99 0.21
CA THR B 130 -10.51 35.37 -0.22
C THR B 130 -9.55 34.21 -0.01
N ALA B 131 -8.73 33.94 -1.01
CA ALA B 131 -7.77 32.84 -0.93
C ALA B 131 -6.48 33.26 -0.26
N THR B 132 -5.99 32.44 0.67
CA THR B 132 -4.67 32.65 1.30
C THR B 132 -3.68 31.85 0.47
N VAL B 133 -2.96 32.52 -0.41
CA VAL B 133 -2.29 31.86 -1.52
C VAL B 133 -0.78 31.85 -1.29
N THR B 134 -0.16 30.77 -1.76
CA THR B 134 1.27 30.60 -1.83
C THR B 134 1.57 30.34 -3.30
N VAL B 135 2.71 30.81 -3.76
CA VAL B 135 3.17 30.47 -5.11
C VAL B 135 4.32 29.49 -4.99
N LYS B 136 4.26 28.43 -5.79
CA LYS B 136 5.33 27.41 -5.83
C LYS B 136 6.17 27.64 -7.07
N VAL B 137 7.47 27.89 -6.87
CA VAL B 137 8.36 28.19 -7.98
C VAL B 137 9.40 27.08 -8.11
N ASP B 138 9.95 26.99 -9.31
CA ASP B 138 10.95 25.96 -9.67
C ASP B 138 12.33 26.54 -9.47
N THR B 139 13.07 26.00 -8.48
CA THR B 139 14.44 26.41 -8.24
C THR B 139 15.40 25.33 -8.65
N GLY B 140 14.92 24.28 -9.31
CA GLY B 140 15.82 23.25 -9.80
C GLY B 140 15.27 21.85 -9.86
N LEU B 141 14.23 21.55 -9.07
CA LEU B 141 13.65 20.23 -9.16
C LEU B 141 13.10 19.96 -10.54
N ASN B 142 12.56 20.98 -11.21
CA ASN B 142 12.03 20.87 -12.56
C ASN B 142 10.78 19.99 -12.61
N ARG B 143 9.98 19.99 -11.54
CA ARG B 143 8.73 19.26 -11.58
C ARG B 143 7.62 20.23 -12.01
N ASN B 144 6.92 20.83 -11.04
CA ASN B 144 5.76 21.63 -11.40
C ASN B 144 5.82 23.10 -10.98
N GLY B 145 6.87 23.57 -10.34
CA GLY B 145 6.91 24.97 -9.91
C GLY B 145 6.94 25.93 -11.09
N VAL B 146 6.44 27.15 -10.85
CA VAL B 146 6.54 28.21 -11.85
C VAL B 146 8.01 28.47 -12.13
N GLY B 147 8.38 28.54 -13.41
CA GLY B 147 9.73 28.85 -13.81
C GLY B 147 10.07 30.33 -13.81
N PRO B 148 11.37 30.67 -13.84
CA PRO B 148 11.76 32.09 -13.72
C PRO B 148 11.18 32.98 -14.80
N ALA B 149 11.05 32.47 -16.03
CA ALA B 149 10.52 33.31 -17.11
C ALA B 149 9.03 33.60 -16.91
N GLN B 150 8.31 32.68 -16.30
CA GLN B 150 6.87 32.86 -16.10
C GLN B 150 6.54 33.58 -14.79
N PHE B 151 7.50 33.73 -13.88
CA PHE B 151 7.17 34.34 -12.59
C PHE B 151 6.69 35.79 -12.68
N PRO B 152 7.27 36.67 -13.49
CA PRO B 152 6.75 38.05 -13.56
C PRO B 152 5.27 38.13 -13.89
N ALA B 153 4.84 37.42 -14.93
CA ALA B 153 3.42 37.38 -15.27
C ALA B 153 2.58 36.88 -14.11
N MET B 154 3.07 35.87 -13.38
CA MET B 154 2.33 35.38 -12.23
C MET B 154 2.24 36.45 -11.15
N LEU B 155 3.35 37.17 -10.91
CA LEU B 155 3.36 38.26 -9.92
C LEU B 155 2.39 39.36 -10.29
N THR B 156 2.30 39.70 -11.57
CA THR B 156 1.35 40.72 -12.01
C THR B 156 -0.08 40.29 -11.71
N ALA B 157 -0.43 39.06 -12.10
CA ALA B 157 -1.77 38.56 -11.86
C ALA B 157 -2.08 38.54 -10.37
N LEU B 158 -1.09 38.15 -9.55
CA LEU B 158 -1.30 38.14 -8.11
C LEU B 158 -1.52 39.56 -7.58
N ARG B 159 -0.72 40.52 -8.06
CA ARG B 159 -0.87 41.91 -7.62
C ARG B 159 -2.25 42.45 -7.97
N GLN B 160 -2.71 42.20 -9.20
CA GLN B 160 -4.05 42.59 -9.61
C GLN B 160 -5.10 41.95 -8.71
N ALA B 161 -5.02 40.63 -8.51
CA ALA B 161 -6.01 39.96 -7.71
C ALA B 161 -5.99 40.46 -6.26
N MET B 162 -4.79 40.71 -5.74
CA MET B 162 -4.69 41.20 -4.37
C MET B 162 -5.26 42.60 -4.27
N ALA B 163 -5.07 43.42 -5.31
CA ALA B 163 -5.66 44.75 -5.32
C ALA B 163 -7.19 44.69 -5.21
N GLU B 164 -7.83 43.74 -5.88
CA GLU B 164 -9.27 43.55 -5.75
C GLU B 164 -9.65 42.65 -4.58
N ASP B 165 -8.71 42.43 -3.65
CA ASP B 165 -8.97 41.69 -2.42
C ASP B 165 -9.45 40.26 -2.68
N ALA B 166 -9.03 39.67 -3.80
CA ALA B 166 -9.36 38.29 -4.10
C ALA B 166 -8.38 37.30 -3.47
N VAL B 167 -7.14 37.72 -3.23
CA VAL B 167 -6.16 36.85 -2.58
C VAL B 167 -5.42 37.62 -1.49
N ARG B 168 -4.97 36.88 -0.49
CA ARG B 168 -3.95 37.29 0.46
C ARG B 168 -2.65 36.59 0.08
N LEU B 169 -1.59 37.38 -0.14
CA LEU B 169 -0.33 36.86 -0.67
C LEU B 169 0.56 36.39 0.48
N ARG B 170 0.39 35.12 0.86
CA ARG B 170 1.01 34.60 2.06
C ARG B 170 2.43 34.08 1.81
N GLY B 171 2.58 33.17 0.86
CA GLY B 171 3.79 32.38 0.77
C GLY B 171 4.43 32.34 -0.60
N LEU B 172 5.76 32.20 -0.58
CA LEU B 172 6.54 31.75 -1.74
C LEU B 172 7.27 30.48 -1.33
N MET B 173 7.15 29.41 -2.12
CA MET B 173 7.73 28.13 -1.73
C MET B 173 8.42 27.46 -2.91
N SER B 174 9.37 26.58 -2.59
CA SER B 174 9.99 25.75 -3.61
C SER B 174 10.47 24.45 -2.99
N HIS B 175 10.56 23.43 -3.86
CA HIS B 175 11.00 22.06 -3.54
C HIS B 175 12.50 21.89 -3.68
N MET B 176 13.13 21.23 -2.71
CA MET B 176 14.53 20.87 -2.81
C MET B 176 14.73 19.62 -3.68
N VAL B 177 15.87 19.57 -4.36
CA VAL B 177 16.17 18.46 -5.26
C VAL B 177 16.61 17.23 -4.46
N TYR B 178 17.41 17.45 -3.42
CA TYR B 178 17.97 16.34 -2.64
C TYR B 178 17.31 16.29 -1.27
N ALA B 179 16.69 15.14 -0.97
CA ALA B 179 16.12 14.85 0.33
C ALA B 179 17.17 14.43 1.35
N ASP B 180 18.42 14.17 0.92
CA ASP B 180 19.37 13.56 1.83
C ASP B 180 20.82 13.96 1.54
N LYS B 181 21.06 15.06 0.83
CA LYS B 181 22.41 15.45 0.42
C LYS B 181 22.65 16.93 0.75
N PRO B 182 22.61 17.29 2.03
CA PRO B 182 22.70 18.72 2.42
C PRO B 182 23.91 19.46 1.86
N ASP B 183 25.07 18.81 1.80
CA ASP B 183 26.31 19.50 1.44
C ASP B 183 26.45 19.72 -0.06
N ASP B 184 25.59 19.11 -0.87
CA ASP B 184 25.63 19.34 -2.31
C ASP B 184 25.33 20.81 -2.59
N SER B 185 26.21 21.44 -3.36
CA SER B 185 26.07 22.84 -3.70
C SER B 185 24.79 23.13 -4.47
N ILE B 186 24.08 22.12 -4.97
CA ILE B 186 22.77 22.39 -5.58
C ILE B 186 21.83 22.96 -4.54
N ASN B 187 21.96 22.55 -3.27
CA ASN B 187 21.16 23.20 -2.23
C ASN B 187 21.43 24.69 -2.20
N ASP B 188 22.72 25.07 -2.27
CA ASP B 188 23.11 26.47 -2.29
C ASP B 188 22.64 27.15 -3.56
N VAL B 189 22.68 26.42 -4.68
CA VAL B 189 22.21 26.96 -5.95
C VAL B 189 20.71 27.22 -5.86
N GLN B 190 19.95 26.27 -5.32
CA GLN B 190 18.51 26.47 -5.20
C GLN B 190 18.18 27.67 -4.32
N ALA B 191 18.96 27.89 -3.26
CA ALA B 191 18.70 29.05 -2.40
C ALA B 191 19.01 30.35 -3.14
N GLN B 192 20.13 30.39 -3.86
CA GLN B 192 20.42 31.55 -4.70
C GLN B 192 19.32 31.79 -5.72
N ARG B 193 18.79 30.72 -6.33
CA ARG B 193 17.68 30.89 -7.26
C ARG B 193 16.44 31.40 -6.54
N PHE B 194 16.24 30.94 -5.29
CA PHE B 194 15.07 31.39 -4.53
C PHE B 194 15.20 32.86 -4.20
N THR B 195 16.41 33.29 -3.88
CA THR B 195 16.65 34.70 -3.58
C THR B 195 16.39 35.55 -4.82
N ALA B 196 16.72 35.02 -5.99
CA ALA B 196 16.47 35.72 -7.24
C ALA B 196 14.98 35.87 -7.49
N PHE B 197 14.18 34.83 -7.22
CA PHE B 197 12.73 34.97 -7.31
C PHE B 197 12.21 36.07 -6.40
N LEU B 198 12.77 36.16 -5.18
CA LEU B 198 12.32 37.20 -4.26
C LEU B 198 12.68 38.58 -4.79
N ALA B 199 13.80 38.70 -5.49
CA ALA B 199 14.16 39.97 -6.10
C ALA B 199 13.21 40.33 -7.24
N GLN B 200 12.76 39.31 -7.99
CA GLN B 200 11.78 39.54 -9.04
C GLN B 200 10.47 40.07 -8.46
N ALA B 201 10.06 39.53 -7.32
CA ALA B 201 8.85 40.01 -6.66
C ALA B 201 9.01 41.47 -6.25
N ARG B 202 10.17 41.80 -5.66
CA ARG B 202 10.44 43.18 -5.28
C ARG B 202 10.31 44.11 -6.48
N GLU B 203 10.85 43.68 -7.62
CA GLU B 203 10.77 44.46 -8.86
C GLU B 203 9.33 44.64 -9.33
N GLN B 204 8.43 43.74 -8.95
CA GLN B 204 7.03 43.84 -9.31
C GLN B 204 6.19 44.38 -8.17
N GLY B 205 6.84 44.86 -7.10
CA GLY B 205 6.11 45.50 -6.02
C GLY B 205 5.28 44.56 -5.17
N VAL B 206 5.77 43.34 -4.97
CA VAL B 206 5.07 42.27 -4.26
C VAL B 206 5.92 41.83 -3.08
N ARG B 207 5.29 41.74 -1.91
CA ARG B 207 5.93 41.20 -0.71
C ARG B 207 5.16 39.97 -0.24
N PHE B 208 5.82 38.84 -0.18
CA PHE B 208 5.22 37.67 0.46
C PHE B 208 5.40 37.76 1.96
N GLU B 209 4.41 37.27 2.71
CA GLU B 209 4.57 37.20 4.16
C GLU B 209 5.73 36.28 4.55
N VAL B 210 5.81 35.13 3.91
CA VAL B 210 6.86 34.17 4.24
C VAL B 210 7.37 33.48 3.00
N ALA B 211 8.63 33.06 3.06
CA ALA B 211 9.26 32.28 2.01
C ALA B 211 9.87 31.03 2.64
N HIS B 212 9.74 29.89 1.96
CA HIS B 212 10.30 28.68 2.52
C HIS B 212 10.74 27.70 1.44
N LEU B 213 11.88 27.09 1.70
CA LEU B 213 12.49 26.10 0.83
C LEU B 213 12.91 24.85 1.57
N SER B 214 13.13 24.90 2.89
CA SER B 214 13.80 23.81 3.59
C SER B 214 12.89 22.60 3.83
N ASN B 215 13.37 21.39 3.44
CA ASN B 215 12.90 20.10 3.93
C ASN B 215 13.66 19.69 5.20
N SER B 216 13.52 18.42 5.63
CA SER B 216 14.16 17.98 6.87
C SER B 216 15.66 18.08 6.79
N SER B 217 16.24 17.55 5.71
CA SER B 217 17.68 17.63 5.51
C SER B 217 18.18 19.06 5.70
N ALA B 218 17.59 20.01 4.98
CA ALA B 218 18.01 21.40 5.07
C ALA B 218 17.78 21.96 6.46
N THR B 219 16.68 21.57 7.10
CA THR B 219 16.36 22.08 8.42
C THR B 219 17.46 21.75 9.41
N MET B 220 17.81 20.46 9.51
CA MET B 220 18.75 20.04 10.53
C MET B 220 20.19 20.35 10.15
N ALA B 221 20.50 20.40 8.85
CA ALA B 221 21.88 20.46 8.41
C ALA B 221 22.25 21.73 7.67
N ARG B 222 21.29 22.53 7.19
CA ARG B 222 21.60 23.76 6.46
C ARG B 222 20.83 24.94 7.03
N PRO B 223 21.10 25.28 8.29
CA PRO B 223 20.43 26.45 8.90
C PRO B 223 20.82 27.73 8.21
N ASP B 224 21.95 27.71 7.47
CA ASP B 224 22.36 28.86 6.69
C ASP B 224 21.54 29.04 5.42
N LEU B 225 20.68 28.06 5.10
CA LEU B 225 19.75 28.17 3.97
C LEU B 225 18.31 28.33 4.41
N THR B 226 18.05 28.43 5.72
CA THR B 226 16.69 28.59 6.21
C THR B 226 16.17 29.99 5.89
N PHE B 227 14.95 30.07 5.35
CA PHE B 227 14.29 31.34 5.08
C PHE B 227 13.33 31.62 6.22
N ASP B 228 12.04 31.83 5.95
CA ASP B 228 11.14 32.19 7.05
C ASP B 228 10.50 30.98 7.72
N LEU B 229 10.32 29.90 6.98
CA LEU B 229 9.68 28.70 7.50
C LEU B 229 10.51 27.50 7.08
N VAL B 230 10.44 26.43 7.87
CA VAL B 230 11.01 25.14 7.49
C VAL B 230 9.85 24.15 7.33
N ARG B 231 10.05 23.16 6.45
CA ARG B 231 9.02 22.18 6.12
C ARG B 231 9.57 20.76 6.31
N PRO B 232 9.82 20.34 7.55
CA PRO B 232 10.30 18.96 7.78
C PRO B 232 9.17 17.93 7.74
N GLY B 233 9.40 16.82 7.02
CA GLY B 233 8.51 15.68 7.08
C GLY B 233 9.16 14.48 7.74
N ILE B 234 10.04 13.80 7.00
CA ILE B 234 10.64 12.54 7.43
C ILE B 234 11.21 12.65 8.85
N ALA B 235 11.79 13.80 9.21
CA ALA B 235 12.41 13.90 10.53
C ALA B 235 11.36 13.97 11.64
N VAL B 236 10.13 14.39 11.34
CA VAL B 236 9.08 14.37 12.35
C VAL B 236 8.82 12.95 12.81
N TYR B 237 8.92 11.98 11.90
CA TYR B 237 8.67 10.59 12.21
C TYR B 237 9.89 9.88 12.77
N GLY B 238 10.95 10.62 13.09
CA GLY B 238 12.13 10.04 13.72
C GLY B 238 13.10 9.37 12.79
N LEU B 239 12.88 9.45 11.48
CA LEU B 239 13.71 8.78 10.49
C LEU B 239 14.77 9.75 9.99
N SER B 240 16.01 9.30 9.96
CA SER B 240 17.12 10.22 9.74
C SER B 240 17.07 10.79 8.32
N PRO B 241 17.09 12.11 8.16
CA PRO B 241 17.15 12.67 6.79
C PRO B 241 18.51 12.51 6.12
N VAL B 242 19.56 12.13 6.85
CA VAL B 242 20.86 11.85 6.26
C VAL B 242 21.36 10.56 6.86
N PRO B 243 20.95 9.40 6.34
CA PRO B 243 21.17 8.15 7.09
C PRO B 243 22.62 7.92 7.47
N ALA B 244 23.57 8.35 6.64
CA ALA B 244 24.98 8.08 6.93
C ALA B 244 25.47 8.80 8.17
N LEU B 245 24.64 9.62 8.81
CA LEU B 245 25.04 10.30 10.03
C LEU B 245 24.45 9.66 11.28
N GLY B 246 23.67 8.59 11.13
CA GLY B 246 23.02 7.97 12.27
C GLY B 246 21.67 8.59 12.57
N ASP B 247 21.23 8.43 13.82
CA ASP B 247 19.84 8.80 14.14
C ASP B 247 19.64 10.31 14.26
N MET B 248 20.71 11.10 14.28
CA MET B 248 20.62 12.56 14.35
C MET B 248 19.80 13.01 15.56
N GLY B 249 19.83 12.22 16.63
CA GLY B 249 19.14 12.58 17.84
C GLY B 249 17.64 12.44 17.78
N LEU B 250 17.10 11.90 16.69
CA LEU B 250 15.69 11.63 16.54
C LEU B 250 15.40 10.20 16.98
N VAL B 251 14.11 9.93 17.19
CA VAL B 251 13.64 8.60 17.59
C VAL B 251 12.56 8.12 16.63
N PRO B 252 12.81 7.10 15.81
CA PRO B 252 11.75 6.59 14.92
C PRO B 252 10.49 6.25 15.70
N ALA B 253 9.37 6.81 15.24
CA ALA B 253 8.12 6.72 16.00
C ALA B 253 7.35 5.42 15.75
N MET B 254 7.64 4.72 14.65
CA MET B 254 6.83 3.57 14.26
C MET B 254 7.53 2.26 14.60
N THR B 255 6.82 1.39 15.31
CA THR B 255 7.28 0.03 15.56
C THR B 255 6.25 -0.94 14.99
N VAL B 256 6.70 -1.83 14.12
CA VAL B 256 5.82 -2.83 13.53
C VAL B 256 6.08 -4.15 14.25
N LYS B 257 5.02 -4.78 14.76
CA LYS B 257 5.15 -6.00 15.55
C LYS B 257 3.93 -6.87 15.30
N CYS B 258 4.08 -8.16 15.58
CA CYS B 258 2.96 -9.09 15.45
C CYS B 258 3.17 -10.21 16.45
N ALA B 259 2.09 -10.95 16.71
CA ALA B 259 2.15 -12.07 17.65
C ALA B 259 2.54 -13.35 16.91
N VAL B 260 3.34 -14.17 17.59
CA VAL B 260 3.59 -15.52 17.11
C VAL B 260 2.28 -16.28 17.08
N ALA B 261 1.91 -16.78 15.91
CA ALA B 261 0.67 -17.50 15.70
C ALA B 261 0.83 -19.00 15.82
N LEU B 262 2.04 -19.52 15.61
CA LEU B 262 2.29 -20.95 15.70
C LEU B 262 3.78 -21.16 15.95
N VAL B 263 4.10 -22.17 16.75
CA VAL B 263 5.47 -22.65 16.92
C VAL B 263 5.51 -24.08 16.39
N LYS B 264 6.50 -24.37 15.54
CA LYS B 264 6.63 -25.67 14.89
C LYS B 264 8.09 -26.08 14.80
N SER B 265 8.35 -27.36 15.07
CA SER B 265 9.72 -27.87 15.05
C SER B 265 10.04 -28.57 13.74
N THR B 284 15.04 -27.94 13.96
CA THR B 284 14.99 -26.66 14.66
C THR B 284 13.55 -26.27 14.92
N ASN B 285 13.37 -25.05 15.43
CA ASN B 285 12.06 -24.52 15.78
C ASN B 285 11.78 -23.23 15.00
N LEU B 286 10.58 -23.13 14.44
CA LEU B 286 10.18 -21.96 13.68
C LEU B 286 8.90 -21.35 14.26
N ALA B 287 8.74 -20.05 14.04
CA ALA B 287 7.53 -19.34 14.41
C ALA B 287 6.82 -18.84 13.16
N LEU B 288 5.50 -19.04 13.12
CA LEU B 288 4.65 -18.51 12.05
C LEU B 288 4.16 -17.13 12.46
N LEU B 289 4.50 -16.13 11.64
CA LEU B 289 4.09 -14.75 11.84
C LEU B 289 3.03 -14.44 10.81
N PRO B 290 1.79 -14.13 11.22
CA PRO B 290 0.64 -14.08 10.30
C PRO B 290 0.46 -12.72 9.60
N ILE B 291 1.53 -12.21 9.00
CA ILE B 291 1.47 -11.07 8.11
C ILE B 291 2.44 -11.35 6.97
N GLY B 292 2.12 -10.81 5.79
CA GLY B 292 2.92 -11.05 4.60
C GLY B 292 2.91 -9.89 3.63
N TYR B 293 3.19 -10.12 2.35
CA TYR B 293 3.40 -8.98 1.45
C TYR B 293 2.11 -8.20 1.19
N ALA B 294 0.92 -8.79 1.34
CA ALA B 294 -0.28 -7.97 1.16
C ALA B 294 -0.50 -7.03 2.34
N ASP B 295 0.17 -7.27 3.47
CA ASP B 295 0.14 -6.38 4.60
C ASP B 295 1.31 -5.42 4.59
N GLY B 296 2.14 -5.45 3.53
CA GLY B 296 3.31 -4.58 3.41
C GLY B 296 4.65 -5.16 3.83
N VAL B 297 4.72 -6.45 4.14
CA VAL B 297 6.02 -7.07 4.36
C VAL B 297 6.62 -7.39 2.99
N PHE B 298 7.43 -6.47 2.45
CA PHE B 298 8.01 -6.60 1.11
C PHE B 298 8.43 -8.04 0.85
N ARG B 299 7.94 -8.60 -0.26
CA ARG B 299 8.25 -9.99 -0.55
C ARG B 299 9.75 -10.20 -0.71
N SER B 300 10.49 -9.17 -1.14
CA SER B 300 11.93 -9.29 -1.31
C SER B 300 12.70 -9.42 0.00
N LEU B 301 12.05 -9.22 1.15
CA LEU B 301 12.71 -9.47 2.42
C LEU B 301 12.85 -10.96 2.71
N GLY B 302 12.18 -11.83 1.96
CA GLY B 302 12.24 -13.25 2.23
C GLY B 302 13.65 -13.79 2.38
N GLY B 303 13.88 -14.56 3.44
CA GLY B 303 15.18 -15.14 3.67
C GLY B 303 16.27 -14.14 3.99
N ARG B 304 15.93 -12.86 4.16
CA ARG B 304 16.90 -11.82 4.50
C ARG B 304 16.61 -11.09 5.80
N LEU B 305 15.35 -10.77 6.07
CA LEU B 305 15.05 -10.03 7.28
C LEU B 305 15.27 -10.88 8.53
N GLU B 306 15.43 -10.19 9.65
CA GLU B 306 15.40 -10.76 10.97
C GLU B 306 14.30 -10.07 11.79
N VAL B 307 13.75 -10.78 12.76
CA VAL B 307 12.82 -10.20 13.72
C VAL B 307 13.36 -10.45 15.11
N LEU B 308 12.87 -9.64 16.05
CA LEU B 308 13.30 -9.72 17.45
C LEU B 308 12.19 -10.37 18.26
N ILE B 309 12.50 -11.47 18.93
CA ILE B 309 11.56 -12.19 19.77
C ILE B 309 12.25 -12.46 21.10
N ASN B 310 11.70 -11.93 22.18
CA ASN B 310 12.23 -12.18 23.53
C ASN B 310 13.75 -11.97 23.47
N GLY B 311 14.14 -10.78 23.00
CA GLY B 311 15.51 -10.32 23.03
C GLY B 311 16.44 -10.85 21.96
N ARG B 312 16.08 -11.87 21.22
CA ARG B 312 16.98 -12.49 20.25
C ARG B 312 16.50 -12.26 18.83
N ARG B 313 17.46 -12.22 17.91
CA ARG B 313 17.17 -12.08 16.48
C ARG B 313 16.87 -13.44 15.87
N CYS B 314 15.77 -13.53 15.13
CA CYS B 314 15.34 -14.78 14.50
C CYS B 314 15.17 -14.53 13.01
N PRO B 315 15.98 -15.16 12.16
CA PRO B 315 15.94 -14.86 10.73
C PRO B 315 14.73 -15.49 10.06
N GLY B 316 14.13 -14.73 9.16
CA GLY B 316 13.15 -15.31 8.27
C GLY B 316 13.79 -16.39 7.40
N VAL B 317 13.02 -17.45 7.16
CA VAL B 317 13.41 -18.54 6.28
C VAL B 317 12.24 -18.80 5.33
N GLY B 318 12.56 -19.10 4.08
CA GLY B 318 11.55 -19.32 3.07
C GLY B 318 10.95 -18.02 2.56
N ARG B 319 10.02 -18.17 1.62
CA ARG B 319 9.41 -17.02 0.99
C ARG B 319 8.47 -16.31 1.97
N ILE B 320 8.29 -15.01 1.75
CA ILE B 320 7.16 -14.28 2.33
C ILE B 320 5.92 -14.64 1.52
N CYS B 321 4.87 -15.09 2.19
CA CYS B 321 3.63 -15.38 1.50
C CYS B 321 2.74 -14.14 1.54
N MET B 322 1.56 -14.26 0.91
CA MET B 322 0.62 -13.14 0.87
C MET B 322 0.34 -12.61 2.28
N ASN B 323 0.12 -13.51 3.25
CA ASN B 323 -0.29 -13.07 4.58
C ASN B 323 0.46 -13.75 5.71
N GLN B 324 1.62 -14.34 5.45
CA GLN B 324 2.38 -14.92 6.55
C GLN B 324 3.81 -15.17 6.12
N PHE B 325 4.69 -15.30 7.11
CA PHE B 325 6.04 -15.83 6.87
C PHE B 325 6.58 -16.49 8.13
N MET B 326 7.67 -17.24 7.95
CA MET B 326 8.27 -18.05 8.99
C MET B 326 9.64 -17.50 9.36
N VAL B 327 9.98 -17.65 10.65
CA VAL B 327 11.31 -17.28 11.15
C VAL B 327 11.86 -18.45 11.96
N ASP B 328 13.18 -18.56 12.00
CA ASP B 328 13.88 -19.65 12.66
C ASP B 328 14.25 -19.24 14.07
N LEU B 329 13.72 -19.97 15.05
CA LEU B 329 13.98 -19.73 16.47
C LEU B 329 15.26 -20.40 16.96
N GLY B 330 15.96 -21.13 16.09
CA GLY B 330 17.13 -21.88 16.51
C GLY B 330 16.74 -23.12 17.28
N ASP B 335 12.20 -20.99 23.94
CA ASP B 335 11.87 -19.88 24.82
C ASP B 335 10.91 -18.88 24.16
N VAL B 336 10.10 -19.38 23.22
CA VAL B 336 9.09 -18.58 22.54
C VAL B 336 7.79 -19.38 22.54
N ALA B 337 6.68 -18.70 22.84
CA ALA B 337 5.38 -19.35 22.85
C ALA B 337 4.39 -18.59 21.98
N GLU B 338 3.44 -19.33 21.40
CA GLU B 338 2.33 -18.70 20.70
C GLU B 338 1.80 -17.53 21.50
N GLY B 339 1.67 -16.37 20.83
CA GLY B 339 1.23 -15.15 21.46
C GLY B 339 2.35 -14.20 21.82
N ASP B 340 3.58 -14.69 21.91
CA ASP B 340 4.73 -13.83 22.16
C ASP B 340 4.88 -12.79 21.05
N GLU B 341 5.53 -11.69 21.40
CA GLU B 341 5.64 -10.52 20.53
C GLU B 341 6.90 -10.60 19.68
N ALA B 342 6.73 -10.46 18.37
CA ALA B 342 7.85 -10.39 17.43
C ALA B 342 7.89 -8.98 16.84
N ILE B 343 9.05 -8.34 16.91
CA ILE B 343 9.22 -6.98 16.42
C ILE B 343 9.95 -7.03 15.09
N LEU B 344 9.30 -6.49 14.04
CA LEU B 344 9.90 -6.44 12.71
C LEU B 344 10.82 -5.24 12.57
N PHE B 345 10.36 -4.04 12.92
CA PHE B 345 11.25 -2.88 12.92
C PHE B 345 10.72 -1.83 13.89
N GLY B 346 11.64 -0.96 14.30
CA GLY B 346 11.34 0.08 15.26
C GLY B 346 12.50 1.06 15.38
N PRO B 347 12.50 1.87 16.45
CA PRO B 347 13.61 2.82 16.64
C PRO B 347 14.95 2.15 16.87
N GLY B 348 14.97 0.91 17.37
CA GLY B 348 16.19 0.18 17.64
C GLY B 348 16.59 0.18 19.09
N ILE B 349 15.73 0.69 19.97
CA ILE B 349 16.07 0.82 21.38
C ILE B 349 16.28 -0.54 22.02
N ARG B 350 15.49 -1.53 21.62
CA ARG B 350 15.57 -2.87 22.18
C ARG B 350 16.39 -3.82 21.32
N GLY B 351 17.20 -3.29 20.40
CA GLY B 351 17.97 -4.14 19.51
C GLY B 351 17.23 -4.62 18.29
N GLU B 352 16.00 -4.16 18.08
CA GLU B 352 15.23 -4.60 16.94
C GLU B 352 15.76 -3.94 15.67
N PRO B 353 15.53 -4.55 14.50
CA PRO B 353 15.89 -3.89 13.23
C PRO B 353 15.17 -2.55 13.12
N THR B 354 15.69 -1.69 12.25
CA THR B 354 15.10 -0.39 12.01
C THR B 354 14.53 -0.34 10.60
N ALA B 355 13.72 0.68 10.36
CA ALA B 355 13.20 0.88 9.00
C ALA B 355 14.34 1.07 7.99
N GLN B 356 15.43 1.72 8.40
CA GLN B 356 16.59 1.84 7.53
C GLN B 356 17.17 0.47 7.19
N ASP B 357 17.18 -0.44 8.16
CA ASP B 357 17.66 -1.79 7.86
C ASP B 357 16.79 -2.43 6.76
N TRP B 358 15.47 -2.26 6.84
CA TRP B 358 14.62 -2.76 5.77
C TRP B 358 14.96 -2.08 4.45
N ALA B 359 15.16 -0.76 4.48
CA ALA B 359 15.48 -0.04 3.25
C ALA B 359 16.77 -0.59 2.65
N ASP B 360 17.75 -0.90 3.49
CA ASP B 360 19.00 -1.47 3.02
C ASP B 360 18.76 -2.80 2.33
N LEU B 361 17.98 -3.68 2.97
CA LEU B 361 17.76 -5.02 2.42
C LEU B 361 16.98 -4.97 1.11
N VAL B 362 15.98 -4.09 1.03
CA VAL B 362 15.11 -4.03 -0.15
C VAL B 362 15.72 -3.21 -1.27
N GLY B 363 16.69 -2.37 -0.97
CA GLY B 363 17.19 -1.45 -1.96
C GLY B 363 16.31 -0.24 -2.15
N THR B 364 15.82 0.34 -1.04
CA THR B 364 14.94 1.48 -1.14
C THR B 364 15.31 2.49 -0.05
N ILE B 365 14.32 3.25 0.42
CA ILE B 365 14.51 4.28 1.43
C ILE B 365 13.47 4.10 2.52
N HIS B 366 13.79 4.57 3.72
CA HIS B 366 12.85 4.35 4.82
C HIS B 366 11.52 5.03 4.55
N TYR B 367 11.48 6.09 3.73
CA TYR B 367 10.21 6.71 3.36
C TYR B 367 9.21 5.65 2.87
N GLU B 368 9.69 4.76 1.99
CA GLU B 368 8.84 3.71 1.40
C GLU B 368 8.54 2.64 2.42
N VAL B 369 9.49 2.35 3.32
CA VAL B 369 9.25 1.36 4.37
C VAL B 369 8.03 1.74 5.21
N VAL B 370 7.99 2.99 5.71
CA VAL B 370 6.95 3.31 6.69
C VAL B 370 5.58 3.53 6.03
N THR B 371 5.52 3.80 4.73
CA THR B 371 4.24 3.90 4.02
C THR B 371 3.73 2.54 3.54
N SER B 372 4.38 1.44 3.94
CA SER B 372 3.98 0.12 3.43
C SER B 372 3.02 -0.61 4.38
N PRO B 373 3.25 -0.63 5.69
CA PRO B 373 2.41 -1.47 6.57
C PRO B 373 0.92 -1.13 6.48
N ARG B 374 0.11 -2.18 6.35
CA ARG B 374 -1.32 -2.06 6.11
C ARG B 374 -1.98 -3.42 6.32
N GLY B 375 -3.24 -3.54 5.88
CA GLY B 375 -3.94 -4.80 5.94
C GLY B 375 -4.04 -5.30 7.38
N ARG B 376 -3.48 -6.49 7.63
CA ARG B 376 -3.51 -7.07 8.96
C ARG B 376 -2.71 -6.25 9.96
N ILE B 377 -1.88 -5.31 9.51
CA ILE B 377 -1.08 -4.49 10.40
C ILE B 377 -1.91 -3.26 10.78
N THR B 378 -2.48 -3.31 11.98
CA THR B 378 -3.37 -2.26 12.47
C THR B 378 -2.56 -1.11 13.06
N ARG B 379 -2.86 0.10 12.64
CA ARG B 379 -2.21 1.27 13.23
C ARG B 379 -2.74 1.52 14.65
N THR B 380 -1.82 1.67 15.60
CA THR B 380 -2.12 1.94 17.00
C THR B 380 -1.28 3.12 17.47
N TYR B 381 -1.59 3.63 18.66
CA TYR B 381 -0.86 4.77 19.19
C TYR B 381 -0.45 4.51 20.64
N ARG B 382 0.76 4.93 20.96
CA ARG B 382 1.22 5.06 22.34
C ARG B 382 1.12 6.54 22.67
N GLU B 383 0.30 6.87 23.67
CA GLU B 383 0.13 8.27 24.03
C GLU B 383 1.44 8.83 24.59
N ALA B 384 1.63 10.12 24.43
CA ALA B 384 2.82 10.78 24.96
C ALA B 384 2.64 11.09 26.45
#